data_7G7B
#
_entry.id   7G7B
#
_cell.length_a   83.901
_cell.length_b   91.470
_cell.length_c   119.860
_cell.angle_alpha   90.000
_cell.angle_beta   90.000
_cell.angle_gamma   90.000
#
_symmetry.space_group_name_H-M   'P 21 21 21'
#
loop_
_entity.id
_entity.type
_entity.pdbx_description
1 polymer 'Isoform 2 of Ectonucleotide pyrophosphatase/phosphodiesterase family member 2'
2 branched alpha-D-mannopyranose-(1-2)-alpha-D-mannopyranose-(1-3)-alpha-D-mannopyranose-(1-6)-[alpha-D-mannopyranose-(1-2)-alpha-D-mannopyranose-(1-3)]beta-D-mannopyranose-(1-4)-2-acetamido-2-deoxy-beta-D-glucopyranose-(1-4)-2-acetamido-2-deoxy-beta-D-glucopyranose
3 non-polymer '[4-(trifluoromethoxy)phenyl]methyl (3aS,6aR)-3a-methyl-5-(4-sulfamoylbenzoyl)hexahydropyrrolo[3,4-c]pyrrole-2(1H)-carboxylate'
4 non-polymer 'CHLORIDE ION'
5 non-polymer 'ACETATE ION'
6 non-polymer 'POTASSIUM ION'
7 non-polymer 'ZINC ION'
8 non-polymer 'SODIUM ION'
9 non-polymer 'CALCIUM ION'
10 water water
#
_entity_poly.entity_id   1
_entity_poly.type   'polypeptide(L)'
_entity_poly.pdbx_seq_one_letter_code
;FTASRIKRAEWDEGPPTVLSDSPWTATSGSCKGRCFELQEVGPPDCRCDNLCKSYSSCCHDFDELCLKTARGWECTKDRC
GEVRNEENACHCSEDCLSRGDCCTNYQVVCKGESHWVDDDCEEIKVPECPAGFVRPPLIIFSVDGFRASYMKKGSKVMPN
IEKLRSCGTHAPYMRPVYPTKTFPNLYTLATGLYPESHGIVGNSMYDPVFDASFHLRGREKFNHRWWGGQPLWITATKQG
VRAGTFFWSVSIPHERRILTILQWLSLPDNERPSVYAFYSEQPDFSGHKYGPFGPEMTNPLREIDKTVGQLMDGLKQLRL
HRCVNVIFVGDHGMEDVTCDRTEFLSNYLTNVDDITLVPGTLGRIRAKSINNSKYDPKTIIAALTCKKPDQHFKPYMKQH
LPKRLHYANNRRIEDIHLLVDRRWHVARKPLDVYKKPSGKCFFQGDHGFDNKVNSMQTVFVGYGPTFKYRTKVPPFENIE
LYNVMCDLLGLKPAPNNGTHGSLNHLLRTNTFRPTMPDEVSRPNYPGIMYLQSEFDLGCTCDDKVEPKNKLEELNKRLHT
KGSTKERHLLYGRPAVLYRTSYDILYHTDFESGYSEIFLMPLWTSYTISKQAEVSSIPEHLTNCVRPDVRVSPGFSQNCL
AYKNDKQMSYGFLFPPYLSSSPEAKYDAFLVTNMVPMYPAFKRVWAYFQRVLVKKYASERNGVNVISGPIFDYNYDGLRD
TEDEIKQYVEGSSIPVPTHYYSIITSCLDFTQPADKCDGPLSVSSFILPHRPDNDESCNSSEDESKWVEELMKMHTARVR
DIEHLTGLDFYRKTSRSYSEILTLKTYLHTYESEIGGRHHHHHHHH
;
_entity_poly.pdbx_strand_id   A
#
loop_
_chem_comp.id
_chem_comp.type
_chem_comp.name
_chem_comp.formula
ACT non-polymer 'ACETATE ION' 'C2 H3 O2 -1'
BMA D-saccharide, beta linking beta-D-mannopyranose 'C6 H12 O6'
CA non-polymer 'CALCIUM ION' 'Ca 2'
CL non-polymer 'CHLORIDE ION' 'Cl -1'
K non-polymer 'POTASSIUM ION' 'K 1'
MAN D-saccharide, alpha linking alpha-D-mannopyranose 'C6 H12 O6'
NA non-polymer 'SODIUM ION' 'Na 1'
NAG D-saccharide, beta linking 2-acetamido-2-deoxy-beta-D-glucopyranose 'C8 H15 N O6'
XUT non-polymer '[4-(trifluoromethoxy)phenyl]methyl (3aS,6aR)-3a-methyl-5-(4-sulfamoylbenzoyl)hexahydropyrrolo[3,4-c]pyrrole-2(1H)-carboxylate' 'C23 H24 F3 N3 O6 S'
ZN non-polymer 'ZINC ION' 'Zn 2'
#
# COMPACT_ATOMS: atom_id res chain seq x y z
N TRP A 24 -30.83 16.88 20.70
CA TRP A 24 -31.21 18.28 21.06
C TRP A 24 -29.99 19.14 21.38
N THR A 25 -29.98 20.35 20.81
CA THR A 25 -29.01 21.38 21.17
C THR A 25 -29.74 22.64 21.62
N ALA A 26 -29.40 23.11 22.83
CA ALA A 26 -29.87 24.39 23.33
C ALA A 26 -29.01 25.47 22.69
N THR A 27 -29.31 25.79 21.42
CA THR A 27 -28.46 26.67 20.58
C THR A 27 -28.45 28.16 21.03
N SER A 28 -28.89 28.40 22.27
CA SER A 28 -29.06 29.75 22.82
C SER A 28 -27.87 30.29 23.67
N GLY A 29 -26.78 29.53 23.78
CA GLY A 29 -25.51 30.08 24.26
C GLY A 29 -24.84 30.91 23.17
N SER A 30 -23.60 31.32 23.41
CA SER A 30 -22.90 32.22 22.48
C SER A 30 -21.44 31.81 22.17
N CYS A 31 -21.00 32.14 20.95
CA CYS A 31 -19.64 31.87 20.48
C CYS A 31 -18.68 33.00 20.75
N LYS A 32 -19.18 34.02 21.45
CA LYS A 32 -18.40 35.17 21.88
C LYS A 32 -17.06 34.67 22.47
N GLY A 33 -15.95 35.15 21.90
CA GLY A 33 -14.60 34.67 22.24
C GLY A 33 -14.27 33.18 22.12
N ARG A 34 -15.19 32.36 21.60
CA ARG A 34 -14.96 30.90 21.49
C ARG A 34 -14.80 30.41 20.05
N CYS A 35 -14.57 31.31 19.10
CA CYS A 35 -14.74 30.94 17.68
C CYS A 35 -13.66 29.90 17.32
N PHE A 36 -14.07 28.75 16.77
CA PHE A 36 -13.14 27.66 16.45
C PHE A 36 -12.34 27.20 17.67
N GLU A 37 -13.07 27.04 18.77
CA GLU A 37 -12.55 26.48 20.00
C GLU A 37 -12.02 25.06 19.74
N LEU A 38 -10.97 24.69 20.45
CA LEU A 38 -10.24 23.44 20.21
C LEU A 38 -10.78 22.21 20.95
N GLN A 39 -11.36 22.40 22.13
CA GLN A 39 -12.01 21.30 22.82
C GLN A 39 -13.48 21.35 22.49
N GLU A 40 -14.05 20.19 22.21
CA GLU A 40 -15.45 20.12 21.85
C GLU A 40 -16.31 20.07 23.12
N VAL A 41 -17.36 20.89 23.18
CA VAL A 41 -18.30 20.83 24.32
C VAL A 41 -19.50 19.90 24.04
N GLY A 42 -20.02 19.32 25.14
CA GLY A 42 -21.01 18.24 25.07
C GLY A 42 -22.45 18.72 25.10
N PRO A 43 -23.23 18.33 24.06
CA PRO A 43 -24.69 18.58 23.98
C PRO A 43 -25.44 18.31 25.31
N PRO A 44 -26.57 19.02 25.55
CA PRO A 44 -27.15 20.02 24.64
C PRO A 44 -26.55 21.45 24.69
N ASP A 45 -25.32 21.59 25.21
CA ASP A 45 -24.57 22.87 25.11
C ASP A 45 -24.16 23.14 23.65
N CYS A 46 -24.27 24.40 23.22
CA CYS A 46 -24.01 24.74 21.82
C CYS A 46 -22.53 24.87 21.48
N ARG A 47 -22.19 24.43 20.28
CA ARG A 47 -20.79 24.28 19.84
C ARG A 47 -20.36 25.43 18.95
N CYS A 48 -19.08 25.80 19.03
CA CYS A 48 -18.43 26.82 18.18
C CYS A 48 -17.19 26.26 17.46
N ASP A 49 -17.00 24.93 17.45
CA ASP A 49 -15.83 24.28 16.81
C ASP A 49 -16.04 24.15 15.30
N ASN A 50 -14.98 23.81 14.57
CA ASN A 50 -15.06 23.84 13.09
C ASN A 50 -15.94 22.76 12.49
N LEU A 51 -16.55 21.94 13.35
CA LEU A 51 -17.48 20.89 12.98
C LEU A 51 -18.94 21.05 13.46
N CYS A 52 -19.21 22.08 14.27
CA CYS A 52 -20.56 22.29 14.78
C CYS A 52 -21.64 22.30 13.67
N LYS A 53 -21.32 22.86 12.51
CA LYS A 53 -22.25 22.92 11.36
C LYS A 53 -22.80 21.53 11.01
N SER A 54 -21.91 20.56 10.89
CA SER A 54 -22.23 19.18 10.49
C SER A 54 -23.12 18.42 11.47
N TYR A 55 -23.28 18.98 12.67
CA TYR A 55 -24.05 18.36 13.73
C TYR A 55 -25.33 19.11 14.04
N SER A 56 -25.59 20.20 13.31
CA SER A 56 -26.72 21.10 13.64
C SER A 56 -26.61 21.69 15.05
N SER A 57 -25.39 21.96 15.50
CA SER A 57 -25.19 22.27 16.90
C SER A 57 -24.57 23.62 17.21
N CYS A 58 -24.26 24.42 16.19
CA CYS A 58 -23.62 25.72 16.40
C CYS A 58 -24.52 26.62 17.22
N CYS A 59 -23.92 27.50 18.04
CA CYS A 59 -24.66 28.57 18.72
C CYS A 59 -25.27 29.49 17.67
N HIS A 60 -26.32 30.20 18.08
CA HIS A 60 -27.09 31.11 17.21
C HIS A 60 -26.22 32.13 16.48
N ASP A 61 -25.14 32.58 17.13
CA ASP A 61 -24.31 33.68 16.62
C ASP A 61 -23.01 33.21 15.95
N PHE A 62 -22.92 31.90 15.70
CA PHE A 62 -21.73 31.33 15.05
C PHE A 62 -21.40 32.02 13.74
N ASP A 63 -22.38 32.15 12.82
CA ASP A 63 -22.10 32.79 11.53
C ASP A 63 -21.62 34.22 11.68
N GLU A 64 -22.31 34.97 12.53
CA GLU A 64 -22.03 36.40 12.70
C GLU A 64 -20.62 36.59 13.29
N LEU A 65 -20.32 35.84 14.33
CA LEU A 65 -19.04 36.02 15.05
C LEU A 65 -17.87 35.33 14.35
N CYS A 66 -18.07 34.10 13.91
CA CYS A 66 -16.99 33.20 13.50
C CYS A 66 -16.79 33.10 12.00
N LEU A 67 -17.82 33.45 11.22
CA LEU A 67 -17.73 33.35 9.77
C LEU A 67 -17.83 34.71 9.07
N LYS A 68 -17.18 35.71 9.64
CA LYS A 68 -17.17 37.06 9.06
C LYS A 68 -16.63 37.03 7.65
N THR A 69 -17.19 37.85 6.79
CA THR A 69 -16.78 37.89 5.40
C THR A 69 -16.58 39.32 4.94
N ALA A 70 -17.01 40.29 5.74
CA ALA A 70 -17.01 41.68 5.30
C ALA A 70 -15.67 42.08 4.74
N ARG A 71 -15.72 42.66 3.55
CA ARG A 71 -14.56 43.29 2.91
C ARG A 71 -13.62 42.26 2.30
N GLY A 72 -14.00 40.99 2.35
CA GLY A 72 -13.24 39.93 1.64
C GLY A 72 -11.92 39.55 2.31
N TRP A 73 -10.98 39.03 1.52
CA TRP A 73 -9.84 38.29 2.06
C TRP A 73 -8.49 38.96 1.93
N GLU A 74 -8.45 40.14 1.30
CA GLU A 74 -7.17 40.80 1.02
C GLU A 74 -7.12 42.25 1.47
N CYS A 75 -5.95 42.69 1.93
CA CYS A 75 -5.71 44.09 2.17
C CYS A 75 -5.55 44.78 0.81
N THR A 76 -6.00 46.02 0.74
CA THR A 76 -5.74 46.90 -0.40
C THR A 76 -4.99 48.12 0.13
N LYS A 77 -4.39 48.89 -0.76
CA LYS A 77 -3.65 50.12 -0.39
C LYS A 77 -4.37 50.97 0.65
N ASP A 78 -5.65 51.23 0.43
CA ASP A 78 -6.44 52.13 1.30
C ASP A 78 -6.89 51.55 2.65
N ARG A 79 -6.76 50.23 2.86
CA ARG A 79 -7.09 49.64 4.16
C ARG A 79 -5.89 49.68 5.11
N CYS A 80 -4.71 49.97 4.57
CA CYS A 80 -3.48 49.97 5.36
C CYS A 80 -3.57 50.93 6.54
N GLY A 81 -3.24 50.42 7.71
CA GLY A 81 -3.30 51.19 8.96
C GLY A 81 -4.69 51.63 9.41
N GLU A 82 -5.73 51.09 8.79
CA GLU A 82 -7.11 51.37 9.14
C GLU A 82 -7.37 51.21 10.65
N VAL A 83 -8.49 51.76 11.12
CA VAL A 83 -8.94 51.54 12.49
C VAL A 83 -9.60 50.16 12.54
N ARG A 84 -9.13 49.32 13.45
CA ARG A 84 -9.70 48.01 13.66
C ARG A 84 -11.24 48.03 13.65
N ASN A 85 -11.82 47.49 12.60
CA ASN A 85 -13.25 47.22 12.52
C ASN A 85 -13.45 45.73 12.71
N GLU A 86 -13.95 45.33 13.88
CA GLU A 86 -14.10 43.92 14.23
C GLU A 86 -15.05 43.14 13.31
N GLU A 87 -15.78 43.83 12.45
CA GLU A 87 -16.70 43.15 11.52
C GLU A 87 -15.99 42.55 10.29
N ASN A 88 -14.78 43.01 10.00
CA ASN A 88 -14.06 42.58 8.80
C ASN A 88 -13.60 41.13 8.86
N ALA A 89 -13.43 40.52 7.70
CA ALA A 89 -13.07 39.10 7.63
C ALA A 89 -11.68 38.95 8.17
N CYS A 90 -10.82 39.86 7.80
CA CYS A 90 -9.46 39.89 8.32
C CYS A 90 -9.05 41.35 8.37
N HIS A 91 -7.86 41.66 8.88
CA HIS A 91 -7.56 43.05 9.21
C HIS A 91 -6.31 43.59 8.62
N CYS A 92 -6.24 44.92 8.51
CA CYS A 92 -5.09 45.61 7.94
C CYS A 92 -4.64 46.77 8.82
N SER A 93 -5.15 46.76 10.05
CA SER A 93 -4.82 47.73 11.09
C SER A 93 -3.44 47.41 11.66
N GLU A 94 -2.85 48.36 12.37
CA GLU A 94 -1.49 48.20 12.90
C GLU A 94 -1.37 47.09 13.91
N ASP A 95 -2.44 46.84 14.66
CA ASP A 95 -2.40 45.87 15.73
C ASP A 95 -2.61 44.43 15.26
N CYS A 96 -2.82 44.22 13.95
CA CYS A 96 -3.23 42.88 13.51
C CYS A 96 -2.15 41.79 13.70
N LEU A 97 -0.89 42.11 13.45
CA LEU A 97 0.19 41.12 13.67
C LEU A 97 0.18 40.57 15.10
N SER A 98 0.08 41.45 16.10
CA SER A 98 0.01 41.01 17.50
C SER A 98 -1.30 40.29 17.85
N ARG A 99 -2.41 40.70 17.19
CA ARG A 99 -3.70 39.99 17.29
C ARG A 99 -3.70 38.63 16.55
N GLY A 100 -2.76 38.43 15.63
CA GLY A 100 -2.70 37.19 14.82
C GLY A 100 -3.81 37.05 13.77
N ASP A 101 -4.40 38.17 13.34
CA ASP A 101 -5.56 38.13 12.44
C ASP A 101 -5.50 39.10 11.25
N CYS A 102 -4.31 39.46 10.80
CA CYS A 102 -4.19 40.17 9.52
C CYS A 102 -4.64 39.30 8.33
N CYS A 103 -5.12 39.94 7.26
CA CYS A 103 -5.23 39.28 5.96
C CYS A 103 -3.83 38.77 5.60
N THR A 104 -3.79 37.70 4.81
CA THR A 104 -2.52 37.00 4.61
C THR A 104 -1.58 37.83 3.76
N ASN A 105 -2.11 38.78 3.01
CA ASN A 105 -1.25 39.66 2.21
C ASN A 105 -0.97 41.02 2.85
N TYR A 106 -1.28 41.14 4.14
CA TYR A 106 -1.04 42.40 4.88
C TYR A 106 0.34 43.03 4.69
N GLN A 107 1.40 42.26 4.94
CA GLN A 107 2.75 42.80 4.86
C GLN A 107 3.15 43.12 3.45
N VAL A 108 2.57 42.40 2.49
CA VAL A 108 2.92 42.65 1.13
C VAL A 108 2.32 44.01 0.69
N VAL A 109 1.02 44.16 0.87
CA VAL A 109 0.30 45.37 0.47
C VAL A 109 0.78 46.60 1.25
N CYS A 110 0.89 46.45 2.58
CA CYS A 110 1.07 47.57 3.49
C CYS A 110 2.48 47.75 4.04
N LYS A 111 3.34 46.73 3.96
CA LYS A 111 4.69 46.89 4.54
C LYS A 111 5.81 46.69 3.53
N GLY A 112 5.45 46.72 2.24
CA GLY A 112 6.40 46.54 1.14
C GLY A 112 7.12 45.18 1.09
N GLU A 113 6.57 44.18 1.78
CA GLU A 113 7.14 42.81 1.74
C GLU A 113 6.89 42.11 0.40
N SER A 114 7.67 41.09 0.10
CA SER A 114 7.38 40.21 -1.07
C SER A 114 6.49 38.99 -0.70
N HIS A 115 5.74 38.47 -1.66
CA HIS A 115 4.99 37.23 -1.46
C HIS A 115 6.01 36.13 -1.29
N TRP A 116 5.65 35.09 -0.56
CA TRP A 116 6.58 33.99 -0.37
C TRP A 116 7.08 33.40 -1.68
N VAL A 117 6.18 33.22 -2.65
CA VAL A 117 6.51 32.57 -3.93
C VAL A 117 7.55 33.32 -4.76
N ASP A 118 7.64 34.64 -4.55
CA ASP A 118 8.60 35.49 -5.25
C ASP A 118 10.01 35.47 -4.67
N ASP A 119 10.18 34.92 -3.47
CA ASP A 119 11.48 34.80 -2.80
C ASP A 119 12.20 33.59 -3.36
N ASP A 120 13.51 33.74 -3.59
CA ASP A 120 14.40 32.64 -3.95
C ASP A 120 14.27 31.57 -2.90
N CYS A 121 14.37 30.30 -3.25
CA CYS A 121 14.48 29.41 -2.12
C CYS A 121 15.85 29.28 -1.52
N GLU A 122 15.85 29.12 -0.21
CA GLU A 122 17.08 29.04 0.54
CA GLU A 122 17.05 29.11 0.62
C GLU A 122 16.91 27.86 1.45
N GLU A 123 17.92 27.00 1.45
CA GLU A 123 17.92 25.82 2.28
C GLU A 123 17.58 26.16 3.72
N ILE A 124 16.71 25.36 4.34
CA ILE A 124 16.37 25.53 5.73
C ILE A 124 17.15 24.44 6.48
N LYS A 125 18.35 24.79 6.92
CA LYS A 125 19.21 23.83 7.60
C LYS A 125 18.74 23.50 9.02
N VAL A 126 18.15 24.47 9.72
CA VAL A 126 17.69 24.30 11.09
C VAL A 126 16.35 25.01 11.24
N PRO A 127 15.50 24.56 12.17
CA PRO A 127 14.26 25.35 12.35
C PRO A 127 14.60 26.75 12.81
N GLU A 128 13.97 27.74 12.18
CA GLU A 128 14.10 29.14 12.60
C GLU A 128 12.75 29.55 13.17
N CYS A 129 12.59 29.43 14.48
CA CYS A 129 11.26 29.52 15.09
C CYS A 129 11.25 30.65 16.13
N PRO A 130 10.11 31.32 16.31
CA PRO A 130 9.95 32.29 17.42
C PRO A 130 10.21 31.63 18.78
N ALA A 131 10.57 32.43 19.78
CA ALA A 131 10.86 31.89 21.10
C ALA A 131 9.58 31.30 21.65
N GLY A 132 9.70 30.23 22.42
CA GLY A 132 8.52 29.59 22.95
C GLY A 132 8.00 28.43 22.09
N PHE A 133 8.46 28.31 20.86
CA PHE A 133 8.13 27.10 20.08
C PHE A 133 9.01 25.92 20.53
N VAL A 134 8.40 24.85 21.04
CA VAL A 134 9.18 23.66 21.51
C VAL A 134 9.58 22.70 20.38
N ARG A 135 8.89 22.77 19.24
CA ARG A 135 9.14 21.87 18.09
C ARG A 135 8.58 22.57 16.86
N PRO A 136 9.15 22.30 15.66
CA PRO A 136 8.52 22.82 14.43
C PRO A 136 7.06 22.29 14.31
N PRO A 137 6.10 23.18 14.14
CA PRO A 137 4.74 22.66 13.94
C PRO A 137 4.65 21.89 12.60
N LEU A 138 3.67 21.00 12.48
CA LEU A 138 3.41 20.28 11.22
C LEU A 138 2.05 20.74 10.67
N ILE A 139 2.02 21.12 9.38
CA ILE A 139 0.75 21.44 8.72
C ILE A 139 0.53 20.48 7.54
N ILE A 140 -0.56 19.73 7.60
CA ILE A 140 -0.88 18.82 6.52
C ILE A 140 -1.94 19.49 5.64
N PHE A 141 -1.57 19.71 4.37
CA PHE A 141 -2.41 20.41 3.43
C PHE A 141 -2.91 19.31 2.46
N SER A 142 -4.08 18.76 2.71
CA SER A 142 -4.54 17.66 1.90
C SER A 142 -5.51 18.12 0.82
N VAL A 143 -5.32 17.59 -0.38
CA VAL A 143 -6.13 17.98 -1.52
C VAL A 143 -6.79 16.75 -2.13
N ASP A 144 -8.11 16.80 -2.23
CA ASP A 144 -8.89 15.67 -2.72
C ASP A 144 -8.77 15.55 -4.25
N GLY A 145 -8.53 14.35 -4.74
CA GLY A 145 -8.50 14.11 -6.19
C GLY A 145 -7.33 14.71 -6.96
N PHE A 146 -6.24 15.06 -6.28
CA PHE A 146 -5.10 15.68 -6.92
C PHE A 146 -4.20 14.57 -7.51
N ARG A 147 -4.48 14.28 -8.75
CA ARG A 147 -3.75 13.30 -9.53
C ARG A 147 -2.30 13.68 -9.72
N ALA A 148 -1.40 12.70 -9.69
CA ALA A 148 0.02 12.96 -9.64
C ALA A 148 0.49 13.76 -10.85
N SER A 149 -0.09 13.54 -12.03
CA SER A 149 0.44 14.23 -13.19
C SER A 149 0.03 15.69 -13.24
N TYR A 150 -0.88 16.12 -12.36
CA TYR A 150 -1.17 17.57 -12.26
C TYR A 150 0.08 18.35 -11.92
N MET A 151 1.02 17.75 -11.18
CA MET A 151 2.26 18.48 -10.85
C MET A 151 3.01 18.95 -12.08
N LYS A 152 3.09 18.12 -13.10
CA LYS A 152 3.77 18.52 -14.34
C LYS A 152 2.80 19.29 -15.26
N LYS A 153 1.60 18.75 -15.41
CA LYS A 153 0.64 19.26 -16.40
C LYS A 153 -0.01 20.61 -16.02
N GLY A 154 -0.10 20.92 -14.73
CA GLY A 154 -0.65 22.19 -14.28
C GLY A 154 0.41 23.13 -13.72
N SER A 155 1.69 22.82 -13.94
CA SER A 155 2.79 23.56 -13.30
C SER A 155 2.79 25.05 -13.59
N LYS A 156 2.34 25.42 -14.79
CA LYS A 156 2.23 26.84 -15.20
C LYS A 156 1.26 27.65 -14.37
N VAL A 157 0.29 26.99 -13.77
CA VAL A 157 -0.72 27.73 -13.06
C VAL A 157 -0.63 27.50 -11.53
N MET A 158 0.38 26.76 -11.09
CA MET A 158 0.55 26.49 -9.65
C MET A 158 1.93 26.93 -9.14
N PRO A 159 2.23 28.24 -9.16
CA PRO A 159 3.59 28.64 -8.81
C PRO A 159 3.96 28.35 -7.33
N ASN A 160 3.02 28.52 -6.39
CA ASN A 160 3.32 28.25 -4.97
C ASN A 160 3.58 26.76 -4.73
N ILE A 161 2.74 25.93 -5.32
CA ILE A 161 2.86 24.46 -5.18
C ILE A 161 4.16 24.00 -5.83
N GLU A 162 4.47 24.57 -7.00
CA GLU A 162 5.71 24.24 -7.68
C GLU A 162 6.96 24.62 -6.93
N LYS A 163 6.90 25.73 -6.20
CA LYS A 163 8.04 26.14 -5.36
C LYS A 163 8.21 25.17 -4.17
N LEU A 164 7.11 24.83 -3.52
CA LEU A 164 7.17 23.82 -2.45
C LEU A 164 7.84 22.56 -3.01
N ARG A 165 7.35 22.15 -4.16
CA ARG A 165 7.84 20.93 -4.79
C ARG A 165 9.32 20.94 -5.15
N SER A 166 9.79 21.98 -5.83
CA SER A 166 11.16 21.99 -6.28
C SER A 166 12.12 22.36 -5.13
N CYS A 167 11.65 23.09 -4.12
CA CYS A 167 12.54 23.47 -3.03
CA CYS A 167 12.50 23.50 -3.00
C CYS A 167 12.61 22.43 -1.92
N GLY A 168 11.51 21.69 -1.70
CA GLY A 168 11.44 20.71 -0.64
C GLY A 168 11.82 19.32 -1.12
N THR A 169 11.15 18.34 -0.54
CA THR A 169 11.32 16.95 -0.90
C THR A 169 10.04 16.49 -1.61
N HIS A 170 10.16 15.84 -2.76
CA HIS A 170 8.92 15.40 -3.44
C HIS A 170 9.07 13.97 -4.01
N ALA A 171 7.95 13.26 -4.17
CA ALA A 171 7.97 12.00 -4.87
C ALA A 171 7.33 12.26 -6.26
N PRO A 172 7.71 11.51 -7.31
CA PRO A 172 6.99 11.72 -8.59
C PRO A 172 5.52 11.35 -8.47
N TYR A 173 5.20 10.46 -7.52
CA TYR A 173 3.80 10.21 -7.13
C TYR A 173 3.79 9.41 -5.86
N MET A 174 2.63 9.36 -5.22
CA MET A 174 2.42 8.55 -4.02
C MET A 174 1.27 7.61 -4.33
N ARG A 175 1.44 6.33 -3.98
CA ARG A 175 0.41 5.28 -4.15
C ARG A 175 -0.63 5.34 -3.05
N PRO A 176 -1.92 5.54 -3.45
CA PRO A 176 -2.99 5.44 -2.45
C PRO A 176 -3.24 4.01 -2.07
N VAL A 177 -4.15 3.80 -1.14
CA VAL A 177 -4.63 2.44 -0.82
C VAL A 177 -5.91 2.13 -1.63
N TYR A 178 -6.24 0.86 -1.74
CA TYR A 178 -7.48 0.41 -2.37
C TYR A 178 -8.58 0.26 -1.31
N PRO A 179 -9.84 0.69 -1.61
CA PRO A 179 -10.23 1.35 -2.83
C PRO A 179 -9.79 2.80 -2.86
N THR A 180 -9.49 3.31 -4.05
CA THR A 180 -8.93 4.64 -4.16
C THR A 180 -10.05 5.70 -4.07
N LYS A 181 -10.77 5.65 -2.94
CA LYS A 181 -11.85 6.56 -2.58
C LYS A 181 -11.33 7.47 -1.42
N THR A 182 -12.06 8.55 -1.14
CA THR A 182 -11.62 9.59 -0.24
C THR A 182 -11.53 9.13 1.24
N PHE A 183 -12.61 8.53 1.77
CA PHE A 183 -12.62 8.17 3.17
C PHE A 183 -11.56 7.10 3.54
N PRO A 184 -11.46 6.02 2.74
CA PRO A 184 -10.43 5.00 3.06
C PRO A 184 -9.05 5.61 3.04
N ASN A 185 -8.78 6.49 2.05
CA ASN A 185 -7.47 7.08 1.97
C ASN A 185 -7.13 8.13 3.02
N LEU A 186 -8.08 9.02 3.33
CA LEU A 186 -7.75 10.00 4.38
C LEU A 186 -7.56 9.30 5.70
N TYR A 187 -8.36 8.29 6.00
CA TYR A 187 -8.17 7.61 7.26
C TYR A 187 -6.89 6.72 7.27
N THR A 188 -6.51 6.16 6.12
CA THR A 188 -5.18 5.52 5.97
C THR A 188 -4.04 6.53 6.19
N LEU A 189 -4.16 7.75 5.62
CA LEU A 189 -3.16 8.79 5.89
C LEU A 189 -3.03 9.03 7.40
N ALA A 190 -4.16 9.10 8.08
CA ALA A 190 -4.21 9.46 9.50
C ALA A 190 -3.72 8.35 10.43
N THR A 191 -3.77 7.09 9.98
CA THR A 191 -3.52 5.96 10.89
C THR A 191 -2.34 5.06 10.55
N GLY A 192 -1.89 5.09 9.29
CA GLY A 192 -0.85 4.19 8.80
C GLY A 192 -1.40 2.80 8.56
N LEU A 193 -2.73 2.63 8.59
CA LEU A 193 -3.32 1.29 8.46
C LEU A 193 -3.99 1.03 7.11
N TYR A 194 -3.91 -0.19 6.62
CA TYR A 194 -4.82 -0.62 5.52
C TYR A 194 -6.32 -0.45 5.88
N PRO A 195 -7.16 -0.09 4.92
CA PRO A 195 -8.61 -0.02 5.21
C PRO A 195 -9.19 -1.25 5.92
N GLU A 196 -8.72 -2.46 5.57
CA GLU A 196 -9.21 -3.65 6.24
C GLU A 196 -8.98 -3.63 7.75
N SER A 197 -7.93 -2.91 8.20
CA SER A 197 -7.63 -2.85 9.62
C SER A 197 -8.23 -1.63 10.30
N HIS A 198 -8.26 -0.49 9.63
CA HIS A 198 -8.88 0.67 10.25
C HIS A 198 -10.42 0.66 10.14
N GLY A 199 -10.95 -0.10 9.19
CA GLY A 199 -12.38 -0.34 9.14
C GLY A 199 -13.16 0.51 8.16
N ILE A 200 -12.52 1.56 7.62
CA ILE A 200 -13.23 2.37 6.67
C ILE A 200 -12.89 1.80 5.27
N VAL A 201 -13.67 0.81 4.84
CA VAL A 201 -13.29 -0.03 3.68
C VAL A 201 -13.94 0.47 2.39
N GLY A 202 -14.80 1.48 2.50
CA GLY A 202 -15.21 2.22 1.31
C GLY A 202 -15.84 3.53 1.75
N ASN A 203 -16.36 4.28 0.79
CA ASN A 203 -17.17 5.44 1.13
C ASN A 203 -18.56 5.00 1.61
N SER A 204 -18.92 3.75 1.32
CA SER A 204 -20.22 3.19 1.70
C SER A 204 -20.02 1.80 2.31
N MET A 205 -20.65 1.49 3.47
CA MET A 205 -20.46 0.17 4.10
C MET A 205 -21.67 -0.37 4.87
N TYR A 206 -21.78 -1.70 4.97
CA TYR A 206 -22.75 -2.36 5.86
C TYR A 206 -21.95 -3.16 6.85
N ASP A 207 -22.18 -2.98 8.14
CA ASP A 207 -21.49 -3.83 9.11
C ASP A 207 -22.53 -4.80 9.70
N PRO A 208 -22.43 -6.09 9.38
CA PRO A 208 -23.42 -7.10 9.79
C PRO A 208 -23.51 -7.32 11.29
N VAL A 209 -22.41 -7.05 12.03
CA VAL A 209 -22.43 -7.20 13.49
C VAL A 209 -23.25 -6.07 14.14
N PHE A 210 -23.04 -4.85 13.66
CA PHE A 210 -23.79 -3.69 14.14
C PHE A 210 -25.20 -3.74 13.56
N ASP A 211 -25.36 -4.42 12.41
CA ASP A 211 -26.52 -4.22 11.55
C ASP A 211 -26.69 -2.73 11.29
N ALA A 212 -25.63 -2.09 10.81
CA ALA A 212 -25.70 -0.64 10.58
C ALA A 212 -25.00 -0.31 9.25
N SER A 213 -25.46 0.75 8.60
CA SER A 213 -24.88 1.19 7.34
C SER A 213 -24.18 2.54 7.49
N PHE A 214 -23.03 2.69 6.84
CA PHE A 214 -22.22 3.91 6.83
C PHE A 214 -22.47 4.55 5.47
N HIS A 215 -22.81 5.83 5.43
CA HIS A 215 -23.02 6.55 4.17
C HIS A 215 -22.29 7.90 4.17
N LEU A 216 -21.95 8.39 2.97
CA LEU A 216 -21.37 9.73 2.80
C LEU A 216 -22.25 10.81 3.43
N ARG A 217 -23.51 10.85 2.99
CA ARG A 217 -24.54 11.67 3.60
C ARG A 217 -25.00 11.03 4.90
N GLY A 218 -25.10 11.82 5.97
CA GLY A 218 -25.85 11.42 7.14
C GLY A 218 -25.08 11.25 8.41
N ARG A 219 -25.78 10.76 9.43
CA ARG A 219 -25.31 10.79 10.80
C ARG A 219 -24.56 9.53 11.31
N GLU A 220 -24.86 8.35 10.73
CA GLU A 220 -24.21 7.09 11.18
C GLU A 220 -22.67 7.16 11.14
N LYS A 221 -22.12 7.77 10.09
CA LYS A 221 -20.67 7.94 9.90
C LYS A 221 -19.94 8.65 11.07
N PHE A 222 -20.68 9.42 11.89
CA PHE A 222 -20.10 10.09 13.06
C PHE A 222 -19.89 9.17 14.27
N ASN A 223 -20.56 8.02 14.27
CA ASN A 223 -20.46 7.08 15.38
C ASN A 223 -19.03 6.49 15.44
N HIS A 224 -18.42 6.52 16.62
CA HIS A 224 -17.01 6.13 16.80
C HIS A 224 -16.70 4.67 16.46
N ARG A 225 -17.71 3.81 16.47
CA ARG A 225 -17.50 2.39 16.24
C ARG A 225 -17.08 2.06 14.79
N TRP A 226 -17.21 3.01 13.87
CA TRP A 226 -16.72 2.76 12.52
C TRP A 226 -15.18 2.89 12.42
N TRP A 227 -14.59 3.68 13.29
CA TRP A 227 -13.27 4.22 13.05
C TRP A 227 -12.29 3.53 13.95
N GLY A 228 -11.50 2.61 13.37
CA GLY A 228 -10.54 1.83 14.15
C GLY A 228 -9.14 2.44 14.15
N GLY A 229 -8.19 1.72 14.73
CA GLY A 229 -6.82 2.20 14.84
C GLY A 229 -6.71 3.45 15.71
N GLN A 230 -5.66 4.21 15.51
CA GLN A 230 -5.41 5.40 16.29
C GLN A 230 -4.84 6.49 15.39
N PRO A 231 -5.69 7.43 15.00
CA PRO A 231 -5.29 8.49 14.08
C PRO A 231 -4.35 9.50 14.72
N LEU A 232 -3.60 10.20 13.87
CA LEU A 232 -2.52 11.07 14.29
C LEU A 232 -2.93 12.07 15.38
N TRP A 233 -4.13 12.66 15.29
CA TRP A 233 -4.55 13.65 16.29
C TRP A 233 -4.72 13.00 17.67
N ILE A 234 -5.12 11.74 17.70
CA ILE A 234 -5.27 11.00 18.97
C ILE A 234 -3.89 10.58 19.46
N THR A 235 -3.03 10.11 18.54
CA THR A 235 -1.66 9.79 18.93
C THR A 235 -0.93 11.01 19.57
N ALA A 236 -1.08 12.19 18.93
CA ALA A 236 -0.47 13.41 19.44
C ALA A 236 -1.01 13.74 20.85
N THR A 237 -2.33 13.76 20.98
CA THR A 237 -2.98 14.17 22.24
C THR A 237 -2.56 13.26 23.39
N LYS A 238 -2.60 11.95 23.17
CA LYS A 238 -2.16 10.98 24.19
C LYS A 238 -0.72 11.18 24.65
N GLN A 239 0.12 11.75 23.81
CA GLN A 239 1.52 11.90 24.13
C GLN A 239 1.84 13.34 24.39
N GLY A 240 0.82 14.16 24.62
CA GLY A 240 1.02 15.52 25.13
C GLY A 240 1.29 16.58 24.08
N VAL A 241 1.09 16.23 22.81
CA VAL A 241 1.26 17.15 21.70
C VAL A 241 -0.15 17.59 21.32
N ARG A 242 -0.42 18.90 21.34
CA ARG A 242 -1.76 19.41 21.03
C ARG A 242 -2.06 19.46 19.53
N ALA A 243 -3.27 19.10 19.19
CA ALA A 243 -3.65 19.03 17.79
C ALA A 243 -4.75 20.06 17.47
N GLY A 244 -4.62 20.72 16.32
CA GLY A 244 -5.71 21.48 15.69
C GLY A 244 -6.82 20.49 15.34
N THR A 245 -8.05 20.95 15.18
CA THR A 245 -9.11 19.99 14.86
C THR A 245 -9.02 19.82 13.35
N PHE A 246 -8.91 18.57 12.89
CA PHE A 246 -8.54 18.22 11.53
C PHE A 246 -9.64 18.43 10.47
N PHE A 247 -10.89 18.29 10.90
CA PHE A 247 -12.05 18.26 10.01
C PHE A 247 -12.72 19.63 9.87
N TRP A 248 -13.05 20.02 8.64
CA TRP A 248 -13.68 21.32 8.40
C TRP A 248 -15.06 21.14 7.77
N SER A 249 -16.07 21.82 8.29
CA SER A 249 -17.40 21.74 7.66
C SER A 249 -17.37 22.36 6.28
N VAL A 250 -18.10 21.73 5.35
CA VAL A 250 -18.00 22.05 3.91
C VAL A 250 -18.27 23.54 3.61
N SER A 251 -19.16 24.19 4.39
CA SER A 251 -19.48 25.59 4.14
C SER A 251 -18.45 26.60 4.64
N ILE A 252 -17.48 26.16 5.46
CA ILE A 252 -16.40 27.09 5.88
C ILE A 252 -15.46 27.32 4.71
N PRO A 253 -15.40 28.57 4.18
CA PRO A 253 -14.59 28.69 2.97
C PRO A 253 -13.10 28.52 3.24
N HIS A 254 -12.35 28.21 2.19
CA HIS A 254 -10.94 27.92 2.32
C HIS A 254 -10.16 29.01 3.00
N GLU A 255 -10.46 30.25 2.63
CA GLU A 255 -9.77 31.40 3.20
C GLU A 255 -9.87 31.46 4.70
N ARG A 256 -11.05 31.06 5.19
CA ARG A 256 -11.35 31.09 6.62
C ARG A 256 -10.61 29.95 7.35
N ARG A 257 -10.51 28.79 6.69
CA ARG A 257 -9.76 27.67 7.25
C ARG A 257 -8.29 28.10 7.47
N ILE A 258 -7.69 28.71 6.46
CA ILE A 258 -6.30 29.21 6.53
C ILE A 258 -6.16 30.23 7.66
N LEU A 259 -7.07 31.19 7.71
CA LEU A 259 -6.99 32.24 8.73
C LEU A 259 -7.14 31.64 10.13
N THR A 260 -7.97 30.62 10.26
CA THR A 260 -8.18 29.98 11.53
C THR A 260 -6.88 29.26 11.97
N ILE A 261 -6.26 28.53 11.04
CA ILE A 261 -4.97 27.88 11.34
C ILE A 261 -3.94 28.91 11.76
N LEU A 262 -3.89 30.03 11.04
CA LEU A 262 -2.90 31.05 11.32
C LEU A 262 -3.16 31.68 12.70
N GLN A 263 -4.44 31.85 13.05
CA GLN A 263 -4.81 32.37 14.37
C GLN A 263 -4.42 31.41 15.48
N TRP A 264 -4.62 30.10 15.25
CA TRP A 264 -4.24 29.10 16.23
C TRP A 264 -2.76 29.16 16.47
N LEU A 265 -2.00 29.44 15.42
CA LEU A 265 -0.54 29.52 15.53
C LEU A 265 -0.09 30.73 16.30
N SER A 266 -1.01 31.63 16.61
CA SER A 266 -0.71 32.80 17.44
C SER A 266 -1.14 32.59 18.89
N LEU A 267 -1.69 31.44 19.24
CA LEU A 267 -2.05 31.21 20.63
C LEU A 267 -0.76 31.22 21.51
N PRO A 268 -0.92 31.47 22.83
CA PRO A 268 0.20 31.30 23.76
C PRO A 268 0.71 29.86 23.73
N ASP A 269 2.00 29.71 24.06
CA ASP A 269 2.72 28.46 23.98
C ASP A 269 2.00 27.26 24.59
N ASN A 270 1.40 27.44 25.76
CA ASN A 270 0.70 26.38 26.43
C ASN A 270 -0.65 26.01 25.77
N GLU A 271 -1.16 26.85 24.87
CA GLU A 271 -2.46 26.58 24.26
C GLU A 271 -2.35 26.21 22.77
N ARG A 272 -1.19 26.47 22.18
CA ARG A 272 -0.99 26.41 20.75
C ARG A 272 -0.85 24.97 20.27
N PRO A 273 -1.66 24.52 19.29
CA PRO A 273 -1.36 23.19 18.76
C PRO A 273 -0.04 23.11 18.01
N SER A 274 0.50 21.89 17.93
CA SER A 274 1.67 21.62 17.14
C SER A 274 1.36 20.96 15.80
N VAL A 275 0.17 20.41 15.63
CA VAL A 275 -0.15 19.78 14.35
C VAL A 275 -1.52 20.28 13.89
N TYR A 276 -1.64 20.45 12.58
CA TYR A 276 -2.80 21.09 11.94
C TYR A 276 -3.06 20.41 10.60
N ALA A 277 -4.33 20.45 10.20
CA ALA A 277 -4.72 19.93 8.89
C ALA A 277 -5.62 20.93 8.16
N PHE A 278 -5.41 21.04 6.86
CA PHE A 278 -6.29 21.80 5.99
C PHE A 278 -6.77 20.78 4.98
N TYR A 279 -8.00 20.86 4.52
CA TYR A 279 -8.48 19.97 3.50
C TYR A 279 -9.18 20.80 2.44
N SER A 280 -8.95 20.42 1.17
CA SER A 280 -9.63 21.01 0.04
C SER A 280 -10.45 19.95 -0.72
N GLU A 281 -11.73 20.25 -0.96
N GLU A 281 -11.72 20.23 -0.96
CA GLU A 281 -12.60 19.38 -1.74
CA GLU A 281 -12.55 19.30 -1.73
C GLU A 281 -12.23 19.38 -3.22
C GLU A 281 -12.22 19.37 -3.23
N GLN A 282 -11.41 20.35 -3.62
CA GLN A 282 -10.91 20.50 -4.97
C GLN A 282 -9.49 19.92 -5.04
N PRO A 283 -9.08 19.43 -6.21
CA PRO A 283 -9.79 19.45 -7.50
C PRO A 283 -10.83 18.31 -7.73
N ASP A 284 -10.99 17.39 -6.78
CA ASP A 284 -11.90 16.25 -6.95
C ASP A 284 -13.31 16.69 -7.38
N PHE A 285 -13.83 17.71 -6.71
CA PHE A 285 -15.21 18.12 -6.96
C PHE A 285 -15.43 18.43 -8.44
N SER A 286 -14.55 19.25 -9.01
CA SER A 286 -14.63 19.57 -10.42
C SER A 286 -14.24 18.40 -11.33
N GLY A 287 -13.21 17.61 -10.96
CA GLY A 287 -12.80 16.41 -11.74
C GLY A 287 -13.96 15.43 -11.97
N HIS A 288 -14.82 15.26 -10.98
CA HIS A 288 -16.00 14.41 -11.17
C HIS A 288 -16.88 14.93 -12.33
N LYS A 289 -17.08 16.25 -12.38
CA LYS A 289 -17.96 16.87 -13.36
C LYS A 289 -17.33 16.97 -14.73
N TYR A 290 -16.03 17.26 -14.79
CA TYR A 290 -15.37 17.59 -16.06
C TYR A 290 -14.30 16.64 -16.52
N GLY A 291 -13.96 15.62 -15.73
CA GLY A 291 -12.85 14.72 -16.08
C GLY A 291 -11.52 15.27 -15.60
N PRO A 292 -10.50 14.42 -15.49
CA PRO A 292 -9.27 14.87 -14.87
C PRO A 292 -8.58 16.00 -15.60
N PHE A 293 -8.74 16.06 -16.94
CA PHE A 293 -8.08 17.14 -17.71
C PHE A 293 -9.03 18.04 -18.48
N GLY A 294 -10.31 18.04 -18.08
CA GLY A 294 -11.29 18.99 -18.65
C GLY A 294 -10.73 20.41 -18.64
N PRO A 295 -11.05 21.22 -19.68
CA PRO A 295 -10.58 22.61 -19.67
C PRO A 295 -11.04 23.37 -18.42
N GLU A 296 -12.15 22.94 -17.82
CA GLU A 296 -12.63 23.54 -16.57
C GLU A 296 -11.71 23.25 -15.35
N MET A 297 -10.70 22.41 -15.55
CA MET A 297 -9.88 22.01 -14.38
C MET A 297 -8.79 23.01 -14.04
N THR A 298 -8.51 23.97 -14.94
CA THR A 298 -7.43 24.91 -14.72
C THR A 298 -7.74 25.82 -13.52
N ASN A 299 -8.96 26.33 -13.48
CA ASN A 299 -9.39 27.22 -12.43
C ASN A 299 -9.31 26.63 -11.01
N PRO A 300 -9.81 25.39 -10.81
CA PRO A 300 -9.66 24.79 -9.47
C PRO A 300 -8.18 24.65 -9.07
N LEU A 301 -7.29 24.39 -10.02
CA LEU A 301 -5.87 24.24 -9.74
C LEU A 301 -5.22 25.58 -9.38
N ARG A 302 -5.62 26.65 -10.07
CA ARG A 302 -5.18 28.00 -9.76
C ARG A 302 -5.63 28.37 -8.34
N GLU A 303 -6.87 28.00 -8.03
CA GLU A 303 -7.47 28.40 -6.78
C GLU A 303 -6.79 27.67 -5.62
N ILE A 304 -6.50 26.39 -5.77
CA ILE A 304 -5.72 25.68 -4.72
C ILE A 304 -4.34 26.32 -4.56
N ASP A 305 -3.69 26.63 -5.67
CA ASP A 305 -2.41 27.29 -5.57
C ASP A 305 -2.45 28.63 -4.83
N LYS A 306 -3.51 29.39 -5.07
CA LYS A 306 -3.68 30.66 -4.37
C LYS A 306 -3.82 30.45 -2.86
N THR A 307 -4.54 29.40 -2.46
CA THR A 307 -4.70 29.04 -1.05
C THR A 307 -3.36 28.67 -0.40
N VAL A 308 -2.53 27.90 -1.10
CA VAL A 308 -1.20 27.57 -0.63
C VAL A 308 -0.41 28.89 -0.45
N GLY A 309 -0.54 29.79 -1.43
CA GLY A 309 0.08 31.12 -1.36
C GLY A 309 -0.34 31.89 -0.10
N GLN A 310 -1.62 31.83 0.24
CA GLN A 310 -2.16 32.52 1.43
C GLN A 310 -1.57 31.95 2.73
N LEU A 311 -1.48 30.62 2.82
CA LEU A 311 -0.86 29.97 3.95
C LEU A 311 0.61 30.37 4.05
N MET A 312 1.37 30.29 2.97
CA MET A 312 2.80 30.60 3.04
C MET A 312 3.08 32.08 3.33
N ASP A 313 2.28 32.96 2.76
CA ASP A 313 2.38 34.38 3.07
C ASP A 313 2.04 34.60 4.52
N GLY A 314 1.03 33.89 5.03
CA GLY A 314 0.60 34.04 6.42
C GLY A 314 1.67 33.53 7.38
N LEU A 315 2.30 32.41 7.01
CA LEU A 315 3.38 31.90 7.84
C LEU A 315 4.53 32.89 7.81
N LYS A 316 4.88 33.40 6.63
CA LYS A 316 5.97 34.36 6.54
C LYS A 316 5.76 35.58 7.46
N GLN A 317 4.53 36.12 7.51
CA GLN A 317 4.17 37.25 8.39
C GLN A 317 4.37 36.91 9.84
N LEU A 318 4.11 35.66 10.20
CA LEU A 318 4.27 35.21 11.57
C LEU A 318 5.71 34.75 11.84
N ARG A 319 6.62 34.94 10.87
CA ARG A 319 8.00 34.47 10.96
C ARG A 319 8.04 32.93 11.21
N LEU A 320 7.17 32.20 10.51
CA LEU A 320 7.03 30.77 10.68
C LEU A 320 7.35 29.99 9.39
N HIS A 321 7.71 30.70 8.31
CA HIS A 321 7.89 30.07 7.02
C HIS A 321 9.17 29.25 6.93
N ARG A 322 10.08 29.44 7.89
CA ARG A 322 11.29 28.62 7.97
C ARG A 322 11.31 27.80 9.27
N CYS A 323 10.12 27.55 9.83
CA CYS A 323 9.94 26.88 11.10
C CYS A 323 8.99 25.68 10.95
N VAL A 324 7.87 25.89 10.23
CA VAL A 324 6.84 24.86 10.01
C VAL A 324 7.23 23.82 8.93
N ASN A 325 6.95 22.54 9.22
CA ASN A 325 7.00 21.52 8.17
C ASN A 325 5.59 21.46 7.56
N VAL A 326 5.54 21.54 6.23
CA VAL A 326 4.29 21.53 5.48
C VAL A 326 4.29 20.27 4.63
N ILE A 327 3.19 19.54 4.69
CA ILE A 327 3.02 18.40 3.81
C ILE A 327 1.88 18.70 2.87
N PHE A 328 2.14 18.59 1.58
CA PHE A 328 1.12 18.76 0.56
C PHE A 328 0.88 17.36 0.00
N VAL A 329 -0.31 16.83 0.25
CA VAL A 329 -0.57 15.43 -0.01
C VAL A 329 -2.00 15.28 -0.55
N GLY A 330 -2.15 14.34 -1.49
CA GLY A 330 -3.44 14.01 -2.04
C GLY A 330 -3.98 12.69 -1.50
N ASP A 331 -5.27 12.45 -1.70
CA ASP A 331 -5.81 11.19 -1.25
C ASP A 331 -5.88 10.15 -2.39
N HIS A 332 -6.05 10.61 -3.65
CA HIS A 332 -6.15 9.71 -4.85
C HIS A 332 -6.21 10.61 -6.06
N GLY A 333 -6.09 10.03 -7.25
CA GLY A 333 -6.19 10.77 -8.50
C GLY A 333 -7.64 10.75 -9.03
N MET A 334 -7.77 10.75 -10.37
CA MET A 334 -9.06 10.88 -11.04
C MET A 334 -8.86 10.36 -12.45
N GLU A 335 -9.82 9.57 -12.92
CA GLU A 335 -9.78 8.93 -14.23
C GLU A 335 -11.01 9.43 -15.04
N ASP A 336 -10.95 9.31 -16.37
CA ASP A 336 -12.11 9.59 -17.25
C ASP A 336 -13.06 8.44 -17.19
N VAL A 337 -14.30 8.72 -16.82
CA VAL A 337 -15.29 7.68 -16.62
C VAL A 337 -16.61 8.34 -16.99
N THR A 338 -17.36 7.72 -17.89
CA THR A 338 -18.68 8.25 -18.31
C THR A 338 -19.79 7.20 -18.18
N CYS A 339 -21.03 7.68 -18.11
CA CYS A 339 -22.26 6.84 -17.92
C CYS A 339 -22.35 5.72 -18.92
N ASP A 340 -21.91 5.97 -20.14
CA ASP A 340 -22.00 4.96 -21.17
C ASP A 340 -21.02 3.81 -20.95
N ARG A 341 -19.95 4.05 -20.18
CA ARG A 341 -19.01 2.96 -19.87
C ARG A 341 -19.42 2.31 -18.55
N THR A 342 -20.58 1.65 -18.57
CA THR A 342 -21.11 0.99 -17.40
C THR A 342 -21.50 -0.43 -17.81
N GLU A 343 -21.06 -1.42 -17.04
CA GLU A 343 -21.47 -2.81 -17.21
C GLU A 343 -22.64 -3.01 -16.27
N PHE A 344 -23.65 -3.75 -16.70
CA PHE A 344 -24.81 -4.01 -15.85
C PHE A 344 -24.90 -5.46 -15.46
N LEU A 345 -24.99 -5.71 -14.16
CA LEU A 345 -25.17 -7.08 -13.66
C LEU A 345 -26.44 -7.75 -14.23
N SER A 346 -27.46 -6.94 -14.52
CA SER A 346 -28.68 -7.47 -15.15
C SER A 346 -28.39 -8.10 -16.53
N ASN A 347 -27.25 -7.80 -17.15
CA ASN A 347 -26.83 -8.53 -18.37
C ASN A 347 -26.13 -9.89 -18.14
N TYR A 348 -26.01 -10.31 -16.88
CA TYR A 348 -25.28 -11.53 -16.56
C TYR A 348 -26.08 -12.46 -15.68
N LEU A 349 -26.77 -11.88 -14.71
CA LEU A 349 -27.45 -12.63 -13.69
C LEU A 349 -28.94 -12.70 -14.02
N THR A 350 -29.53 -13.86 -13.80
CA THR A 350 -30.99 -14.00 -13.88
C THR A 350 -31.62 -13.42 -12.59
N ASN A 351 -31.07 -13.86 -11.46
CA ASN A 351 -31.49 -13.48 -10.10
C ASN A 351 -31.15 -12.07 -9.59
N VAL A 352 -30.91 -11.10 -10.49
CA VAL A 352 -30.42 -9.75 -10.09
C VAL A 352 -31.13 -9.10 -8.86
N ASP A 353 -32.41 -9.43 -8.63
CA ASP A 353 -33.14 -8.88 -7.48
C ASP A 353 -32.84 -9.51 -6.13
N ASP A 354 -32.10 -10.61 -6.13
CA ASP A 354 -31.77 -11.24 -4.87
C ASP A 354 -30.40 -10.80 -4.36
N ILE A 355 -29.77 -9.85 -5.06
CA ILE A 355 -28.46 -9.33 -4.60
C ILE A 355 -28.53 -7.85 -4.28
N THR A 356 -27.64 -7.44 -3.37
CA THR A 356 -27.34 -6.05 -3.07
C THR A 356 -25.94 -5.79 -3.66
N LEU A 357 -25.83 -4.79 -4.52
CA LEU A 357 -24.51 -4.38 -5.04
C LEU A 357 -24.10 -3.02 -4.49
N VAL A 358 -22.89 -2.91 -3.91
CA VAL A 358 -22.23 -1.60 -3.77
C VAL A 358 -21.56 -1.31 -5.13
N PRO A 359 -22.01 -0.26 -5.86
CA PRO A 359 -21.68 -0.06 -7.26
C PRO A 359 -20.57 0.97 -7.55
N GLY A 360 -20.19 1.09 -8.82
CA GLY A 360 -19.34 2.18 -9.25
C GLY A 360 -18.01 1.69 -9.75
N THR A 361 -16.92 2.17 -9.14
CA THR A 361 -15.58 1.87 -9.65
C THR A 361 -15.01 0.60 -9.01
N LEU A 362 -15.83 -0.02 -8.17
CA LEU A 362 -15.58 -1.34 -7.61
C LEU A 362 -16.96 -1.91 -7.37
N GLY A 363 -17.03 -3.22 -7.19
CA GLY A 363 -18.31 -3.82 -6.89
C GLY A 363 -18.19 -4.68 -5.67
N ARG A 364 -19.20 -4.67 -4.81
CA ARG A 364 -19.26 -5.59 -3.71
C ARG A 364 -20.65 -6.15 -3.63
N ILE A 365 -20.74 -7.48 -3.61
CA ILE A 365 -22.02 -8.13 -3.72
C ILE A 365 -22.34 -8.93 -2.46
N ARG A 366 -23.58 -8.80 -2.00
CA ARG A 366 -24.04 -9.72 -0.99
C ARG A 366 -25.51 -10.03 -1.25
N ALA A 367 -26.07 -10.96 -0.46
CA ALA A 367 -27.50 -11.33 -0.62
C ALA A 367 -28.34 -10.16 -0.17
N LYS A 368 -29.38 -9.83 -0.93
CA LYS A 368 -30.39 -8.86 -0.47
C LYS A 368 -31.07 -9.28 0.85
N SER A 369 -31.29 -10.58 1.04
CA SER A 369 -31.96 -11.06 2.23
C SER A 369 -31.23 -12.27 2.84
N ILE A 370 -30.87 -12.17 4.12
CA ILE A 370 -30.20 -13.29 4.81
C ILE A 370 -31.12 -14.50 5.07
N ASN A 371 -32.43 -14.29 4.85
CA ASN A 371 -33.44 -15.33 4.94
C ASN A 371 -33.60 -16.18 3.68
N ASN A 372 -32.89 -15.81 2.61
CA ASN A 372 -33.00 -16.52 1.34
C ASN A 372 -31.90 -17.57 1.17
N SER A 373 -32.24 -18.83 1.46
CA SER A 373 -31.27 -19.93 1.43
C SER A 373 -31.02 -20.48 0.02
N LYS A 374 -31.69 -19.87 -0.96
CA LYS A 374 -31.44 -20.15 -2.39
C LYS A 374 -30.36 -19.24 -2.99
N TYR A 375 -29.90 -18.25 -2.22
CA TYR A 375 -28.76 -17.42 -2.61
C TYR A 375 -27.50 -18.28 -2.60
N ASP A 376 -26.69 -18.17 -3.67
CA ASP A 376 -25.47 -18.98 -3.83
C ASP A 376 -24.35 -18.15 -4.48
N PRO A 377 -23.29 -17.80 -3.70
CA PRO A 377 -22.15 -17.06 -4.24
C PRO A 377 -21.37 -17.79 -5.33
N LYS A 378 -21.33 -19.12 -5.26
CA LYS A 378 -20.58 -19.89 -6.25
C LYS A 378 -21.18 -19.65 -7.61
N THR A 379 -22.51 -19.69 -7.69
CA THR A 379 -23.15 -19.53 -9.00
C THR A 379 -23.20 -18.08 -9.47
N ILE A 380 -23.23 -17.12 -8.53
CA ILE A 380 -23.12 -15.71 -8.92
C ILE A 380 -21.75 -15.46 -9.54
N ILE A 381 -20.69 -15.94 -8.87
CA ILE A 381 -19.36 -15.75 -9.42
C ILE A 381 -19.22 -16.39 -10.80
N ALA A 382 -19.74 -17.61 -10.96
CA ALA A 382 -19.60 -18.26 -12.27
C ALA A 382 -20.33 -17.48 -13.38
N ALA A 383 -21.51 -16.93 -13.05
CA ALA A 383 -22.30 -16.19 -14.02
C ALA A 383 -21.60 -14.88 -14.43
N LEU A 384 -20.65 -14.45 -13.60
CA LEU A 384 -19.93 -13.18 -13.81
C LEU A 384 -18.56 -13.41 -14.40
N THR A 385 -18.17 -14.67 -14.60
CA THR A 385 -16.81 -15.01 -15.02
C THR A 385 -16.64 -15.23 -16.51
N CYS A 386 -15.78 -14.40 -17.11
CA CYS A 386 -15.42 -14.43 -18.53
C CYS A 386 -16.61 -14.66 -19.47
N LYS A 387 -17.70 -13.94 -19.23
CA LYS A 387 -18.94 -14.15 -19.97
C LYS A 387 -19.03 -13.41 -21.29
N LYS A 388 -18.26 -12.33 -21.42
CA LYS A 388 -18.33 -11.47 -22.59
C LYS A 388 -16.89 -11.16 -23.00
N PRO A 389 -16.61 -11.10 -24.32
CA PRO A 389 -15.24 -10.99 -24.82
C PRO A 389 -14.44 -9.86 -24.17
N ASP A 390 -15.04 -8.68 -24.05
CA ASP A 390 -14.31 -7.52 -23.51
C ASP A 390 -14.73 -7.10 -22.12
N GLN A 391 -15.32 -8.04 -21.37
CA GLN A 391 -15.87 -7.80 -20.04
C GLN A 391 -14.98 -6.82 -19.25
N HIS A 392 -15.55 -5.75 -18.70
CA HIS A 392 -14.71 -4.70 -18.06
C HIS A 392 -14.71 -4.74 -16.53
N PHE A 393 -14.99 -5.91 -15.96
CA PHE A 393 -14.83 -6.15 -14.55
C PHE A 393 -14.51 -7.63 -14.42
N LYS A 394 -13.91 -7.99 -13.30
CA LYS A 394 -13.57 -9.40 -13.06
C LYS A 394 -14.03 -9.72 -11.65
N PRO A 395 -14.82 -10.80 -11.49
CA PRO A 395 -15.24 -11.12 -10.16
C PRO A 395 -14.21 -11.92 -9.37
N TYR A 396 -14.19 -11.70 -8.06
CA TYR A 396 -13.33 -12.45 -7.16
C TYR A 396 -14.05 -12.79 -5.86
N MET A 397 -13.76 -13.96 -5.27
CA MET A 397 -13.99 -14.08 -3.83
C MET A 397 -12.89 -13.20 -3.20
N LYS A 398 -13.22 -12.48 -2.12
CA LYS A 398 -12.26 -11.47 -1.61
C LYS A 398 -10.87 -12.06 -1.26
N GLN A 399 -10.85 -13.28 -0.73
CA GLN A 399 -9.58 -13.91 -0.42
C GLN A 399 -8.71 -14.21 -1.67
N HIS A 400 -9.30 -14.21 -2.86
CA HIS A 400 -8.52 -14.39 -4.09
C HIS A 400 -8.05 -13.09 -4.76
N LEU A 401 -8.47 -11.95 -4.22
CA LEU A 401 -7.93 -10.69 -4.71
C LEU A 401 -6.40 -10.69 -4.52
N PRO A 402 -5.65 -10.02 -5.44
CA PRO A 402 -4.20 -9.79 -5.28
C PRO A 402 -3.89 -9.38 -3.86
N LYS A 403 -2.94 -10.09 -3.29
CA LYS A 403 -2.58 -9.83 -1.90
C LYS A 403 -2.07 -8.40 -1.65
N ARG A 404 -1.50 -7.75 -2.67
CA ARG A 404 -1.02 -6.38 -2.55
C ARG A 404 -2.12 -5.38 -2.21
N LEU A 405 -3.37 -5.72 -2.47
CA LEU A 405 -4.49 -4.81 -2.15
C LEU A 405 -4.89 -4.87 -0.67
N HIS A 406 -4.46 -5.91 0.02
CA HIS A 406 -4.74 -6.13 1.44
C HIS A 406 -6.20 -5.82 1.72
N TYR A 407 -7.08 -6.42 0.94
CA TYR A 407 -8.49 -6.08 0.99
C TYR A 407 -9.42 -7.28 1.22
N ALA A 408 -9.42 -7.81 2.43
CA ALA A 408 -10.24 -8.98 2.72
C ALA A 408 -10.56 -9.15 4.18
N ASN A 409 -9.60 -8.88 5.08
CA ASN A 409 -9.77 -9.20 6.50
C ASN A 409 -10.67 -8.20 7.26
N ASN A 410 -11.93 -8.10 6.84
CA ASN A 410 -12.87 -7.21 7.52
C ASN A 410 -14.29 -7.68 7.17
N ARG A 411 -15.11 -7.85 8.19
CA ARG A 411 -16.49 -8.29 8.00
C ARG A 411 -17.30 -7.28 7.21
N ARG A 412 -16.78 -6.05 7.04
CA ARG A 412 -17.48 -5.06 6.23
C ARG A 412 -17.20 -5.24 4.72
N ILE A 413 -16.31 -6.15 4.38
CA ILE A 413 -15.92 -6.35 2.99
C ILE A 413 -16.65 -7.61 2.54
N GLU A 414 -17.56 -7.45 1.57
CA GLU A 414 -18.37 -8.56 1.14
C GLU A 414 -17.52 -9.64 0.48
N ASP A 415 -17.95 -10.89 0.62
CA ASP A 415 -17.20 -12.02 0.08
C ASP A 415 -16.97 -11.91 -1.43
N ILE A 416 -17.96 -11.37 -2.14
CA ILE A 416 -17.85 -11.23 -3.58
C ILE A 416 -17.46 -9.80 -3.90
N HIS A 417 -16.39 -9.68 -4.70
CA HIS A 417 -15.83 -8.40 -5.13
C HIS A 417 -15.67 -8.32 -6.63
N LEU A 418 -15.95 -7.17 -7.20
CA LEU A 418 -15.66 -6.97 -8.62
C LEU A 418 -14.56 -5.94 -8.76
N LEU A 419 -13.45 -6.32 -9.36
CA LEU A 419 -12.43 -5.36 -9.74
CA LEU A 419 -12.40 -5.38 -9.74
C LEU A 419 -12.80 -4.81 -11.09
N VAL A 420 -13.05 -3.51 -11.13
CA VAL A 420 -13.59 -2.86 -12.33
C VAL A 420 -12.43 -2.28 -13.13
N ASP A 421 -12.42 -2.46 -14.45
CA ASP A 421 -11.36 -1.88 -15.27
C ASP A 421 -11.36 -0.35 -15.18
N ARG A 422 -10.17 0.26 -15.27
CA ARG A 422 -10.09 1.71 -15.25
C ARG A 422 -11.00 2.26 -16.38
N ARG A 423 -11.66 3.39 -16.11
CA ARG A 423 -12.52 4.09 -17.09
CA ARG A 423 -12.53 4.09 -17.08
C ARG A 423 -13.96 3.55 -17.12
N TRP A 424 -14.22 2.49 -16.35
CA TRP A 424 -15.53 1.85 -16.29
C TRP A 424 -16.24 1.95 -14.94
N HIS A 425 -17.56 1.74 -14.99
CA HIS A 425 -18.39 1.50 -13.83
C HIS A 425 -19.08 0.14 -13.92
N VAL A 426 -19.49 -0.35 -12.76
CA VAL A 426 -20.40 -1.47 -12.69
C VAL A 426 -21.67 -1.01 -11.96
N ALA A 427 -22.84 -1.40 -12.49
CA ALA A 427 -24.10 -1.12 -11.78
C ALA A 427 -24.98 -2.37 -11.84
N ARG A 428 -26.00 -2.42 -10.99
CA ARG A 428 -26.90 -3.56 -10.96
C ARG A 428 -27.82 -3.63 -12.20
N LYS A 429 -28.51 -2.53 -12.48
CA LYS A 429 -29.48 -2.43 -13.60
C LYS A 429 -29.37 -1.08 -14.24
N PRO A 430 -29.69 -0.97 -15.55
CA PRO A 430 -29.60 0.34 -16.24
C PRO A 430 -30.35 1.48 -15.54
N LEU A 431 -31.49 1.18 -14.92
CA LEU A 431 -32.29 2.19 -14.21
C LEU A 431 -31.50 2.92 -13.12
N ASP A 432 -30.56 2.21 -12.50
CA ASP A 432 -29.67 2.77 -11.46
C ASP A 432 -28.78 3.92 -11.92
N VAL A 433 -28.45 3.94 -13.21
CA VAL A 433 -27.61 4.96 -13.80
C VAL A 433 -28.40 6.22 -14.22
N TYR A 434 -29.55 6.06 -14.90
CA TYR A 434 -30.34 7.22 -15.35
C TYR A 434 -31.46 7.71 -14.40
N LYS A 435 -31.83 6.89 -13.42
CA LYS A 435 -32.69 7.33 -12.31
C LYS A 435 -31.86 7.47 -11.02
N LYS A 436 -30.85 8.36 -11.08
CA LYS A 436 -29.99 8.68 -9.92
C LYS A 436 -29.61 10.17 -9.91
N CYS A 441 -25.92 12.26 -19.10
CA CYS A 441 -24.85 11.85 -18.19
C CYS A 441 -24.25 13.00 -17.38
N PHE A 442 -24.28 12.87 -16.06
CA PHE A 442 -23.69 13.88 -15.17
C PHE A 442 -22.13 13.91 -15.29
N PHE A 443 -21.51 12.83 -14.85
CA PHE A 443 -20.09 12.82 -14.49
C PHE A 443 -19.15 12.49 -15.65
N GLN A 444 -17.94 13.00 -15.60
CA GLN A 444 -16.90 12.67 -16.59
C GLN A 444 -15.63 12.16 -15.92
N GLY A 445 -15.59 12.23 -14.58
CA GLY A 445 -14.45 11.68 -13.82
C GLY A 445 -14.91 10.78 -12.69
N ASP A 446 -14.13 9.76 -12.37
CA ASP A 446 -14.33 9.06 -11.12
C ASP A 446 -13.00 8.41 -10.69
N HIS A 447 -13.01 7.77 -9.52
CA HIS A 447 -11.82 7.11 -8.97
C HIS A 447 -12.33 6.00 -8.06
N GLY A 448 -11.43 5.15 -7.58
CA GLY A 448 -11.82 4.01 -6.73
C GLY A 448 -11.14 2.74 -7.19
N PHE A 449 -10.60 2.78 -8.41
CA PHE A 449 -10.00 1.61 -9.08
C PHE A 449 -8.77 1.10 -8.29
N ASP A 450 -8.33 -0.09 -8.67
CA ASP A 450 -7.02 -0.68 -8.28
C ASP A 450 -5.92 0.38 -8.07
N ASN A 451 -5.28 0.35 -6.89
CA ASN A 451 -4.34 1.41 -6.54
C ASN A 451 -3.01 1.39 -7.31
N LYS A 452 -2.83 0.42 -8.22
CA LYS A 452 -1.70 0.43 -9.14
C LYS A 452 -1.95 1.29 -10.38
N VAL A 453 -3.21 1.62 -10.65
CA VAL A 453 -3.57 2.38 -11.87
C VAL A 453 -2.93 3.75 -11.89
N ASN A 454 -2.24 4.10 -12.98
CA ASN A 454 -1.55 5.40 -13.11
C ASN A 454 -2.42 6.60 -12.75
N SER A 455 -3.64 6.61 -13.26
CA SER A 455 -4.52 7.77 -13.05
C SER A 455 -5.00 7.87 -11.59
N MET A 456 -4.85 6.80 -10.79
CA MET A 456 -5.21 6.87 -9.38
C MET A 456 -4.08 7.43 -8.47
N GLN A 457 -2.85 7.52 -8.98
CA GLN A 457 -1.72 7.99 -8.17
C GLN A 457 -1.90 9.45 -7.78
N THR A 458 -1.31 9.84 -6.66
CA THR A 458 -1.56 11.15 -6.17
C THR A 458 -0.19 11.73 -5.78
N VAL A 459 -0.20 12.81 -4.99
CA VAL A 459 1.00 13.61 -4.82
C VAL A 459 1.55 13.59 -3.40
N PHE A 460 2.86 13.82 -3.30
CA PHE A 460 3.47 14.10 -2.00
C PHE A 460 4.58 15.14 -2.18
N VAL A 461 4.53 16.19 -1.35
CA VAL A 461 5.61 17.15 -1.20
C VAL A 461 5.79 17.40 0.29
N GLY A 462 7.04 17.38 0.75
CA GLY A 462 7.38 17.79 2.13
C GLY A 462 8.31 19.00 2.07
N TYR A 463 7.96 20.06 2.80
CA TYR A 463 8.75 21.27 2.79
C TYR A 463 8.96 21.75 4.22
N GLY A 464 10.21 21.96 4.62
CA GLY A 464 10.40 22.55 5.94
C GLY A 464 11.75 22.14 6.47
N PRO A 465 12.07 22.55 7.70
CA PRO A 465 13.38 22.28 8.30
C PRO A 465 13.72 20.82 8.43
N THR A 466 12.71 19.97 8.63
CA THR A 466 12.96 18.57 8.92
C THR A 466 13.00 17.74 7.62
N PHE A 467 12.47 18.28 6.52
CA PHE A 467 12.56 17.59 5.21
C PHE A 467 13.86 17.98 4.50
N LYS A 468 14.30 17.15 3.57
CA LYS A 468 15.47 17.50 2.76
CA LYS A 468 15.47 17.47 2.75
C LYS A 468 15.22 18.63 1.80
N TYR A 469 16.33 19.22 1.34
CA TYR A 469 16.31 20.35 0.43
C TYR A 469 16.44 19.84 -1.01
N ARG A 470 15.59 20.33 -1.91
CA ARG A 470 15.64 20.01 -3.39
C ARG A 470 15.88 18.53 -3.65
N THR A 471 15.09 17.66 -3.02
CA THR A 471 15.39 16.23 -3.09
C THR A 471 14.20 15.51 -3.72
N LYS A 472 14.48 14.63 -4.67
CA LYS A 472 13.46 13.79 -5.22
C LYS A 472 13.60 12.43 -4.59
N VAL A 473 12.49 11.82 -4.21
CA VAL A 473 12.54 10.49 -3.63
C VAL A 473 11.68 9.59 -4.50
N PRO A 474 11.95 8.28 -4.51
CA PRO A 474 11.09 7.37 -5.29
C PRO A 474 9.62 7.35 -4.79
N PRO A 475 8.70 6.89 -5.65
CA PRO A 475 7.31 6.74 -5.25
C PRO A 475 7.21 5.79 -4.04
N PHE A 476 6.26 6.07 -3.16
CA PHE A 476 6.08 5.25 -1.99
C PHE A 476 4.57 5.26 -1.70
N GLU A 477 4.15 4.41 -0.77
CA GLU A 477 2.73 4.23 -0.44
C GLU A 477 2.31 5.10 0.72
N ASN A 478 1.07 5.59 0.65
CA ASN A 478 0.58 6.49 1.69
C ASN A 478 0.48 5.86 3.12
N ILE A 479 0.42 4.52 3.24
CA ILE A 479 0.47 3.86 4.56
C ILE A 479 1.76 4.19 5.32
N GLU A 480 2.79 4.66 4.60
CA GLU A 480 4.08 4.99 5.27
C GLU A 480 4.10 6.34 5.97
N LEU A 481 3.13 7.21 5.69
CA LEU A 481 3.29 8.60 6.10
C LEU A 481 3.01 8.80 7.57
N TYR A 482 2.09 8.01 8.14
CA TYR A 482 1.79 8.19 9.57
C TYR A 482 3.06 8.14 10.42
N ASN A 483 3.89 7.13 10.16
CA ASN A 483 5.16 6.98 10.90
C ASN A 483 6.01 8.28 10.79
N VAL A 484 6.13 8.79 9.59
CA VAL A 484 6.92 9.98 9.35
C VAL A 484 6.30 11.21 10.04
N MET A 485 4.97 11.32 10.00
CA MET A 485 4.32 12.45 10.66
C MET A 485 4.54 12.34 12.16
N CYS A 486 4.54 11.11 12.70
CA CYS A 486 4.91 10.89 14.09
C CYS A 486 6.36 11.30 14.39
N ASP A 487 7.29 10.92 13.51
CA ASP A 487 8.73 11.34 13.61
C ASP A 487 8.85 12.87 13.63
N LEU A 488 8.09 13.53 12.76
CA LEU A 488 8.11 15.00 12.67
C LEU A 488 7.66 15.70 13.94
N LEU A 489 6.85 15.00 14.72
CA LEU A 489 6.26 15.56 15.92
C LEU A 489 6.87 14.97 17.18
N GLY A 490 7.88 14.11 17.05
CA GLY A 490 8.47 13.41 18.22
C GLY A 490 7.53 12.43 18.90
N LEU A 491 6.59 11.84 18.16
CA LEU A 491 5.63 10.87 18.68
C LEU A 491 6.05 9.43 18.41
N LYS A 492 5.64 8.54 19.30
CA LYS A 492 5.82 7.11 19.09
C LYS A 492 4.56 6.69 18.32
N PRO A 493 4.71 6.12 17.11
CA PRO A 493 3.52 5.75 16.32
C PRO A 493 2.78 4.58 16.95
N ALA A 494 1.46 4.59 16.95
CA ALA A 494 0.75 3.36 17.28
C ALA A 494 1.09 2.25 16.24
N PRO A 495 0.89 0.97 16.59
CA PRO A 495 1.22 -0.13 15.68
C PRO A 495 0.51 0.05 14.33
N ASN A 496 1.25 0.01 13.22
CA ASN A 496 0.60 0.30 11.95
C ASN A 496 1.24 -0.50 10.82
N ASN A 497 0.77 -0.27 9.59
CA ASN A 497 1.25 -1.10 8.45
C ASN A 497 2.41 -0.45 7.70
N GLY A 498 2.76 0.78 8.03
CA GLY A 498 4.02 1.34 7.53
C GLY A 498 5.20 0.46 8.00
N THR A 499 6.35 0.71 7.42
CA THR A 499 7.58 0.01 7.78
C THR A 499 8.49 1.14 8.18
N HIS A 500 8.61 1.28 9.48
CA HIS A 500 9.18 2.48 10.07
C HIS A 500 10.68 2.50 9.85
N GLY A 501 11.15 3.56 9.22
CA GLY A 501 12.48 3.66 8.69
C GLY A 501 12.54 3.62 7.18
N SER A 502 11.51 3.10 6.50
CA SER A 502 11.53 3.06 5.03
C SER A 502 11.48 4.43 4.35
N LEU A 503 11.03 5.45 5.07
CA LEU A 503 11.01 6.80 4.51
C LEU A 503 12.03 7.72 5.17
N ASN A 504 13.07 7.17 5.78
CA ASN A 504 14.11 7.99 6.41
C ASN A 504 14.83 8.91 5.42
N HIS A 505 14.98 8.43 4.19
CA HIS A 505 15.53 9.22 3.12
C HIS A 505 14.74 10.50 2.72
N LEU A 506 13.57 10.74 3.30
CA LEU A 506 12.86 12.01 3.05
C LEU A 506 13.37 13.10 4.01
N LEU A 507 14.04 12.68 5.08
CA LEU A 507 14.22 13.51 6.25
C LEU A 507 15.66 13.96 6.43
N ARG A 508 15.82 15.23 6.81
CA ARG A 508 17.12 15.79 7.13
C ARG A 508 17.54 15.31 8.49
N THR A 509 16.59 15.24 9.43
CA THR A 509 16.85 14.82 10.81
C THR A 509 15.58 14.10 11.30
N ASN A 510 15.53 13.75 12.59
CA ASN A 510 14.40 13.01 13.19
C ASN A 510 14.25 11.63 12.58
N THR A 511 15.34 11.09 12.02
CA THR A 511 15.24 9.77 11.41
C THR A 511 14.95 8.72 12.52
N PHE A 512 14.39 7.59 12.11
CA PHE A 512 14.09 6.54 13.06
C PHE A 512 15.02 5.42 12.71
N ARG A 513 15.78 4.97 13.72
CA ARG A 513 16.85 4.04 13.41
C ARG A 513 16.49 2.67 13.95
N PRO A 514 15.78 1.85 13.16
CA PRO A 514 15.37 0.57 13.72
C PRO A 514 16.51 -0.45 13.64
N THR A 515 16.38 -1.51 14.43
CA THR A 515 17.30 -2.62 14.44
C THR A 515 16.58 -3.74 13.70
N MET A 516 17.31 -4.67 13.09
CA MET A 516 16.69 -5.82 12.45
C MET A 516 16.01 -6.69 13.52
N PRO A 517 14.87 -7.31 13.17
CA PRO A 517 14.28 -8.18 14.19
C PRO A 517 15.18 -9.36 14.55
N ASP A 518 15.13 -9.80 15.80
CA ASP A 518 15.95 -10.96 16.18
C ASP A 518 15.40 -12.25 15.58
N GLU A 519 16.31 -13.12 15.11
CA GLU A 519 15.90 -14.44 14.65
C GLU A 519 15.36 -15.21 15.84
N VAL A 520 14.24 -15.90 15.67
CA VAL A 520 13.67 -16.64 16.78
C VAL A 520 14.07 -18.11 16.76
N SER A 521 14.11 -18.71 15.57
CA SER A 521 14.51 -20.11 15.42
C SER A 521 15.80 -20.22 14.65
N ARG A 522 16.76 -20.92 15.23
CA ARG A 522 18.00 -21.22 14.51
C ARG A 522 17.85 -22.55 13.77
N PRO A 523 18.47 -22.66 12.58
CA PRO A 523 18.29 -23.87 11.79
C PRO A 523 19.11 -25.02 12.35
N ASN A 524 18.74 -26.24 11.99
CA ASN A 524 19.64 -27.39 12.07
C ASN A 524 20.35 -27.55 10.74
N TYR A 525 21.53 -28.17 10.78
CA TYR A 525 22.32 -28.46 9.59
C TYR A 525 22.52 -29.99 9.52
N PRO A 526 21.50 -30.73 9.05
CA PRO A 526 21.59 -32.21 9.02
C PRO A 526 22.62 -32.71 8.03
N GLY A 527 23.43 -33.70 8.44
CA GLY A 527 24.30 -34.39 7.48
C GLY A 527 23.57 -35.66 7.02
N ILE A 528 24.28 -36.59 6.38
CA ILE A 528 23.62 -37.82 5.94
C ILE A 528 23.31 -38.75 7.11
N MET A 529 22.02 -39.07 7.31
CA MET A 529 21.58 -39.74 8.54
CA MET A 529 21.59 -39.75 8.54
C MET A 529 20.65 -40.93 8.33
N TYR A 530 20.24 -41.17 7.07
CA TYR A 530 19.22 -42.20 6.76
C TYR A 530 19.64 -43.00 5.58
N LEU A 531 19.35 -44.28 5.61
CA LEU A 531 19.60 -45.10 4.45
C LEU A 531 18.37 -45.08 3.54
N GLN A 532 18.62 -45.18 2.24
CA GLN A 532 17.59 -45.18 1.20
C GLN A 532 16.42 -46.09 1.58
N SER A 533 16.72 -47.29 2.08
CA SER A 533 15.70 -48.27 2.40
C SER A 533 14.85 -47.93 3.61
N GLU A 534 15.19 -46.93 4.40
CA GLU A 534 14.30 -46.55 5.50
C GLU A 534 13.09 -45.79 4.98
N PHE A 535 13.09 -45.39 3.73
CA PHE A 535 11.97 -44.58 3.23
C PHE A 535 10.99 -45.47 2.51
N ASP A 536 9.72 -45.34 2.87
CA ASP A 536 8.68 -46.03 2.16
C ASP A 536 7.70 -44.97 1.69
N LEU A 537 8.09 -44.22 0.67
CA LEU A 537 7.30 -43.06 0.28
C LEU A 537 6.50 -43.31 -0.96
N GLY A 538 6.73 -44.46 -1.61
CA GLY A 538 6.00 -44.78 -2.85
C GLY A 538 6.55 -43.98 -4.02
N CYS A 539 7.74 -43.43 -3.83
CA CYS A 539 8.41 -42.64 -4.88
C CYS A 539 9.37 -43.53 -5.60
N THR A 540 9.62 -43.24 -6.88
CA THR A 540 10.65 -43.96 -7.64
C THR A 540 11.49 -42.96 -8.41
N CYS A 541 12.74 -43.32 -8.63
CA CYS A 541 13.57 -42.57 -9.56
C CYS A 541 14.52 -43.48 -10.32
N ASP A 542 14.63 -43.23 -11.62
CA ASP A 542 15.63 -43.91 -12.46
C ASP A 542 17.03 -43.30 -12.25
N ASP A 543 17.62 -43.52 -11.08
CA ASP A 543 18.89 -42.86 -10.74
C ASP A 543 20.01 -43.77 -10.24
N LYS A 544 19.84 -45.08 -10.45
CA LYS A 544 20.84 -46.07 -10.03
C LYS A 544 21.97 -46.25 -11.06
N VAL A 545 22.79 -45.21 -11.27
CA VAL A 545 24.00 -45.30 -12.12
C VAL A 545 25.20 -44.67 -11.39
N GLU A 546 26.33 -45.39 -11.35
CA GLU A 546 27.46 -45.10 -10.41
C GLU A 546 27.92 -43.65 -10.28
N ASN A 549 33.89 -42.55 -8.37
CA ASN A 549 34.81 -41.57 -8.90
C ASN A 549 35.34 -40.62 -7.81
N LYS A 550 36.60 -40.77 -7.41
CA LYS A 550 37.19 -39.98 -6.31
C LYS A 550 37.35 -38.45 -6.52
N LEU A 551 37.74 -38.03 -7.74
CA LEU A 551 37.84 -36.60 -8.08
C LEU A 551 36.50 -35.88 -7.80
N GLU A 552 35.43 -36.44 -8.38
CA GLU A 552 34.08 -35.87 -8.31
C GLU A 552 33.29 -36.24 -7.04
N GLU A 553 33.91 -36.98 -6.12
CA GLU A 553 33.25 -37.40 -4.87
C GLU A 553 33.57 -36.54 -3.66
N LEU A 554 34.72 -35.86 -3.67
CA LEU A 554 34.96 -34.82 -2.66
C LEU A 554 34.14 -33.60 -3.07
N ASN A 555 33.92 -33.49 -4.39
CA ASN A 555 33.19 -32.38 -5.01
C ASN A 555 31.72 -32.31 -4.60
N LYS A 556 31.01 -33.45 -4.74
CA LYS A 556 29.62 -33.61 -4.30
C LYS A 556 29.45 -33.38 -2.79
N ARG A 557 30.41 -33.88 -2.00
CA ARG A 557 30.46 -33.66 -0.54
C ARG A 557 30.56 -32.18 -0.19
N LEU A 558 31.44 -31.44 -0.86
CA LEU A 558 31.63 -30.00 -0.60
C LEU A 558 30.33 -29.26 -0.86
N HIS A 559 29.65 -29.61 -1.97
CA HIS A 559 28.41 -28.95 -2.40
C HIS A 559 27.30 -29.14 -1.39
N THR A 560 27.22 -30.35 -0.84
CA THR A 560 26.25 -30.68 0.22
C THR A 560 26.62 -30.04 1.57
N LYS A 561 27.86 -29.56 1.71
CA LYS A 561 28.29 -28.84 2.94
C LYS A 561 28.23 -27.31 2.80
N GLY A 562 27.84 -26.82 1.63
CA GLY A 562 27.64 -25.39 1.42
C GLY A 562 28.74 -24.70 0.63
N SER A 563 29.51 -25.44 -0.16
CA SER A 563 30.62 -24.84 -0.93
C SER A 563 30.19 -23.75 -1.94
N THR A 564 29.03 -23.92 -2.58
CA THR A 564 28.51 -22.93 -3.53
C THR A 564 27.50 -21.96 -2.88
N LYS A 565 27.37 -22.00 -1.55
CA LYS A 565 26.30 -21.24 -0.88
C LYS A 565 26.41 -19.72 -1.08
N GLU A 566 27.63 -19.22 -1.27
CA GLU A 566 27.88 -17.79 -1.47
C GLU A 566 27.34 -17.31 -2.81
N ARG A 567 27.24 -18.24 -3.76
CA ARG A 567 26.71 -17.97 -5.08
C ARG A 567 25.18 -17.86 -5.01
N HIS A 568 24.55 -18.77 -4.25
CA HIS A 568 23.08 -18.93 -4.31
C HIS A 568 22.32 -18.25 -3.21
N LEU A 569 23.02 -17.93 -2.14
CA LEU A 569 22.45 -17.19 -1.04
C LEU A 569 23.21 -15.85 -0.91
N LEU A 570 22.76 -14.87 -1.68
CA LEU A 570 23.52 -13.62 -1.84
C LEU A 570 23.37 -12.57 -0.73
N TYR A 571 22.27 -12.65 0.02
CA TYR A 571 21.94 -11.61 0.99
C TYR A 571 21.77 -12.21 2.38
N GLY A 572 22.44 -13.35 2.61
CA GLY A 572 22.35 -14.06 3.89
C GLY A 572 21.13 -14.94 3.91
N ARG A 573 21.07 -15.87 4.86
CA ARG A 573 19.82 -16.62 4.95
C ARG A 573 18.73 -15.77 5.57
N PRO A 574 17.48 -15.94 5.11
CA PRO A 574 16.34 -15.29 5.75
C PRO A 574 16.25 -15.66 7.24
N ALA A 575 15.84 -14.73 8.08
CA ALA A 575 15.67 -15.10 9.48
C ALA A 575 14.25 -15.56 9.73
N VAL A 576 14.09 -16.63 10.50
CA VAL A 576 12.78 -17.14 10.88
C VAL A 576 12.37 -16.45 12.16
N LEU A 577 11.27 -15.70 12.11
CA LEU A 577 10.93 -14.85 13.23
C LEU A 577 9.84 -15.47 14.09
N TYR A 578 9.69 -16.78 14.06
CA TYR A 578 8.73 -17.43 14.95
C TYR A 578 9.34 -18.77 15.34
N ARG A 579 8.70 -19.45 16.28
CA ARG A 579 9.24 -20.69 16.86
CA ARG A 579 9.24 -20.68 16.85
C ARG A 579 8.91 -21.88 15.96
N THR A 580 9.94 -22.55 15.45
CA THR A 580 9.69 -23.71 14.57
C THR A 580 10.94 -24.58 14.46
N SER A 581 10.82 -25.73 13.79
CA SER A 581 11.93 -26.63 13.63
CA SER A 581 11.93 -26.64 13.62
C SER A 581 12.21 -26.72 12.14
N TYR A 582 13.41 -26.33 11.73
CA TYR A 582 13.72 -26.36 10.30
C TYR A 582 15.19 -26.66 10.03
N ASP A 583 15.47 -27.14 8.83
CA ASP A 583 16.84 -27.53 8.44
C ASP A 583 17.31 -26.72 7.30
N ILE A 584 18.56 -26.29 7.34
CA ILE A 584 19.20 -25.77 6.13
C ILE A 584 19.71 -26.93 5.32
N LEU A 585 19.40 -26.92 4.03
CA LEU A 585 19.84 -27.93 3.05
C LEU A 585 20.65 -27.29 1.94
N TYR A 586 21.90 -27.71 1.77
CA TYR A 586 22.72 -27.14 0.71
C TYR A 586 22.73 -28.05 -0.51
N HIS A 587 22.88 -27.45 -1.67
CA HIS A 587 23.00 -28.19 -2.92
C HIS A 587 23.87 -27.39 -3.87
N THR A 588 24.34 -28.04 -4.92
CA THR A 588 25.14 -27.35 -5.94
C THR A 588 24.52 -26.08 -6.44
N ASP A 589 23.23 -26.17 -6.79
CA ASP A 589 22.51 -25.10 -7.48
C ASP A 589 21.56 -24.23 -6.62
N PHE A 590 21.34 -24.62 -5.38
CA PHE A 590 20.33 -23.96 -4.54
C PHE A 590 20.50 -24.37 -3.08
N GLU A 591 19.99 -23.52 -2.20
CA GLU A 591 19.98 -23.73 -0.75
CA GLU A 591 19.98 -23.78 -0.77
C GLU A 591 18.53 -23.55 -0.28
N SER A 592 18.13 -24.30 0.72
CA SER A 592 16.77 -24.20 1.19
C SER A 592 16.71 -24.27 2.70
N GLY A 593 15.67 -23.66 3.26
CA GLY A 593 15.35 -23.81 4.66
C GLY A 593 14.10 -24.67 4.71
N TYR A 594 14.26 -25.93 5.14
CA TYR A 594 13.23 -26.97 5.04
C TYR A 594 12.49 -27.13 6.37
N SER A 595 11.18 -26.94 6.37
CA SER A 595 10.39 -26.98 7.61
C SER A 595 10.00 -28.42 7.92
N GLU A 596 10.39 -28.92 9.10
CA GLU A 596 10.00 -30.26 9.52
C GLU A 596 8.52 -30.29 9.89
N ILE A 597 7.94 -29.12 10.11
CA ILE A 597 6.53 -29.01 10.53
C ILE A 597 5.60 -29.01 9.32
N PHE A 598 5.89 -28.17 8.32
CA PHE A 598 5.08 -28.09 7.11
C PHE A 598 5.50 -29.08 6.02
N LEU A 599 6.57 -29.83 6.25
CA LEU A 599 7.10 -30.88 5.33
C LEU A 599 7.53 -30.34 3.95
N MET A 600 8.01 -29.10 3.93
CA MET A 600 8.46 -28.51 2.68
C MET A 600 9.32 -27.29 2.98
N PRO A 601 10.02 -26.76 1.98
CA PRO A 601 10.78 -25.56 2.29
C PRO A 601 9.90 -24.33 2.66
N LEU A 602 10.40 -23.53 3.59
CA LEU A 602 9.85 -22.20 3.84
C LEU A 602 10.39 -21.27 2.76
N TRP A 603 11.58 -21.60 2.27
CA TRP A 603 12.26 -20.75 1.25
C TRP A 603 13.27 -21.59 0.53
N THR A 604 13.51 -21.25 -0.72
CA THR A 604 14.51 -21.91 -1.56
C THR A 604 15.21 -20.75 -2.30
N SER A 605 16.55 -20.69 -2.21
CA SER A 605 17.32 -19.58 -2.79
C SER A 605 18.29 -20.08 -3.86
N TYR A 606 18.27 -19.43 -5.02
CA TYR A 606 19.17 -19.83 -6.10
C TYR A 606 19.49 -18.65 -7.00
N THR A 607 20.68 -18.67 -7.58
CA THR A 607 21.09 -17.59 -8.50
C THR A 607 21.27 -18.15 -9.93
N ILE A 608 20.76 -17.40 -10.92
CA ILE A 608 20.77 -17.75 -12.35
C ILE A 608 21.51 -16.62 -13.03
N SER A 609 22.70 -16.91 -13.55
CA SER A 609 23.47 -15.87 -14.21
C SER A 609 22.90 -15.63 -15.62
N LYS A 610 23.29 -14.50 -16.22
CA LYS A 610 22.96 -14.18 -17.61
C LYS A 610 23.28 -15.32 -18.57
N GLN A 611 24.39 -16.00 -18.31
CA GLN A 611 24.93 -17.06 -19.16
C GLN A 611 24.21 -18.41 -18.97
N ALA A 612 23.50 -18.58 -17.86
CA ALA A 612 22.92 -19.90 -17.55
C ALA A 612 22.11 -20.45 -18.69
N GLU A 613 22.10 -21.77 -18.80
CA GLU A 613 21.33 -22.43 -19.83
C GLU A 613 20.12 -23.20 -19.27
N VAL A 614 19.04 -23.19 -20.03
CA VAL A 614 17.83 -23.94 -19.75
C VAL A 614 17.93 -25.29 -20.42
N SER A 615 17.65 -26.36 -19.67
CA SER A 615 17.56 -27.70 -20.22
C SER A 615 16.16 -28.23 -19.96
N SER A 616 15.88 -29.44 -20.44
CA SER A 616 14.58 -30.04 -20.22
C SER A 616 14.70 -31.07 -19.09
N ILE A 617 13.57 -31.54 -18.60
CA ILE A 617 13.58 -32.71 -17.74
C ILE A 617 13.78 -33.95 -18.66
N PRO A 618 14.93 -34.65 -18.52
CA PRO A 618 15.15 -35.86 -19.31
C PRO A 618 13.99 -36.83 -19.16
N GLU A 619 13.71 -37.58 -20.22
CA GLU A 619 12.57 -38.52 -20.25
C GLU A 619 12.56 -39.50 -19.09
N HIS A 620 13.71 -40.10 -18.79
CA HIS A 620 13.78 -41.12 -17.75
C HIS A 620 13.50 -40.56 -16.34
N LEU A 621 13.63 -39.24 -16.20
CA LEU A 621 13.45 -38.57 -14.91
C LEU A 621 12.09 -37.87 -14.75
N THR A 622 11.17 -38.12 -15.69
CA THR A 622 9.87 -37.40 -15.68
C THR A 622 9.10 -37.48 -14.35
N ASN A 623 8.98 -38.67 -13.78
CA ASN A 623 8.27 -38.86 -12.52
C ASN A 623 9.20 -39.15 -11.34
N CYS A 624 10.46 -38.80 -11.50
CA CYS A 624 11.47 -39.06 -10.47
C CYS A 624 11.27 -38.22 -9.19
N VAL A 625 11.11 -38.88 -8.04
CA VAL A 625 11.23 -38.24 -6.74
C VAL A 625 12.18 -39.06 -5.87
N ARG A 626 13.14 -38.39 -5.22
CA ARG A 626 14.24 -39.09 -4.53
C ARG A 626 14.18 -38.78 -3.04
N PRO A 627 14.23 -39.80 -2.19
CA PRO A 627 14.46 -39.55 -0.75
C PRO A 627 15.69 -38.67 -0.49
N ASP A 628 15.59 -37.81 0.52
CA ASP A 628 16.68 -36.96 0.97
C ASP A 628 17.23 -37.59 2.25
N VAL A 629 18.45 -38.12 2.16
CA VAL A 629 19.03 -38.93 3.23
C VAL A 629 19.48 -38.07 4.41
N ARG A 630 19.39 -36.74 4.27
CA ARG A 630 19.56 -35.83 5.40
C ARG A 630 18.28 -35.68 6.24
N VAL A 631 17.15 -36.09 5.73
CA VAL A 631 15.85 -35.75 6.37
C VAL A 631 15.04 -37.01 6.63
N SER A 632 14.52 -37.17 7.85
N SER A 632 14.50 -37.12 7.84
CA SER A 632 13.88 -38.44 8.22
CA SER A 632 13.79 -38.33 8.26
C SER A 632 12.62 -38.73 7.38
C SER A 632 12.57 -38.70 7.37
N PRO A 633 12.30 -40.01 7.15
CA PRO A 633 11.06 -40.38 6.46
C PRO A 633 9.87 -39.68 7.12
N GLY A 634 9.87 -39.61 8.45
CA GLY A 634 8.79 -39.04 9.21
C GLY A 634 8.60 -37.53 8.98
N PHE A 635 9.64 -36.85 8.50
CA PHE A 635 9.55 -35.42 8.19
C PHE A 635 9.60 -35.17 6.69
N SER A 636 9.19 -36.16 5.91
CA SER A 636 9.24 -36.05 4.45
C SER A 636 7.84 -36.16 3.90
N GLN A 637 7.63 -35.60 2.71
CA GLN A 637 6.43 -35.89 1.96
C GLN A 637 6.54 -37.32 1.38
N ASN A 638 5.45 -37.81 0.78
CA ASN A 638 5.45 -39.13 0.13
C ASN A 638 4.66 -39.04 -1.17
N CYS A 639 5.06 -39.85 -2.14
CA CYS A 639 4.49 -39.81 -3.48
C CYS A 639 3.12 -40.46 -3.53
N LEU A 640 2.87 -41.40 -2.62
CA LEU A 640 1.59 -42.12 -2.57
C LEU A 640 0.42 -41.16 -2.33
N ALA A 641 0.62 -40.21 -1.42
CA ALA A 641 -0.43 -39.22 -1.17
C ALA A 641 -0.80 -38.49 -2.46
N TYR A 642 0.19 -38.11 -3.27
CA TYR A 642 -0.11 -37.42 -4.52
C TYR A 642 -0.81 -38.31 -5.49
N LYS A 643 -0.41 -39.56 -5.55
CA LYS A 643 -1.09 -40.53 -6.41
C LYS A 643 -2.56 -40.68 -5.98
N ASN A 644 -2.79 -40.89 -4.69
CA ASN A 644 -4.15 -40.98 -4.19
C ASN A 644 -4.99 -39.71 -4.34
N ASP A 645 -4.35 -38.54 -4.21
CA ASP A 645 -5.09 -37.25 -4.34
C ASP A 645 -5.29 -36.93 -5.80
N LYS A 646 -6.51 -37.17 -6.25
CA LYS A 646 -6.86 -37.01 -7.65
C LYS A 646 -6.90 -35.54 -8.12
N GLN A 647 -7.06 -34.61 -7.18
CA GLN A 647 -7.03 -33.16 -7.47
C GLN A 647 -5.62 -32.55 -7.47
N MET A 648 -4.72 -33.15 -6.70
CA MET A 648 -3.47 -32.47 -6.34
C MET A 648 -2.28 -33.13 -6.99
N SER A 649 -1.43 -32.35 -7.62
CA SER A 649 -0.16 -32.86 -8.14
C SER A 649 0.97 -32.19 -7.35
N TYR A 650 2.16 -32.12 -7.93
CA TYR A 650 3.28 -31.53 -7.24
C TYR A 650 4.21 -30.80 -8.20
N GLY A 651 4.97 -29.87 -7.64
CA GLY A 651 5.97 -29.14 -8.42
C GLY A 651 7.23 -29.07 -7.58
N PHE A 652 8.21 -28.34 -8.08
CA PHE A 652 9.48 -28.18 -7.37
C PHE A 652 9.80 -26.71 -7.21
N LEU A 653 10.43 -26.39 -6.09
CA LEU A 653 10.77 -25.01 -5.84
C LEU A 653 11.98 -24.54 -6.62
N PHE A 654 13.11 -25.23 -6.50
CA PHE A 654 14.20 -25.00 -7.43
C PHE A 654 13.86 -25.75 -8.72
N PRO A 655 13.86 -25.06 -9.86
CA PRO A 655 13.37 -25.68 -11.10
C PRO A 655 14.40 -26.68 -11.74
N PRO A 656 13.99 -27.93 -11.98
CA PRO A 656 14.91 -28.83 -12.66
C PRO A 656 15.48 -28.26 -13.98
N TYR A 657 14.73 -27.40 -14.67
CA TYR A 657 15.18 -26.82 -15.96
C TYR A 657 16.43 -26.02 -15.86
N LEU A 658 16.77 -25.56 -14.67
CA LEU A 658 17.87 -24.62 -14.57
C LEU A 658 19.08 -25.23 -13.87
N SER A 659 19.05 -26.55 -13.75
CA SER A 659 20.16 -27.30 -13.17
C SER A 659 21.45 -26.98 -13.92
N SER A 660 22.57 -26.92 -13.22
CA SER A 660 23.84 -26.49 -13.82
C SER A 660 24.52 -27.62 -14.61
N SER A 661 24.13 -28.86 -14.36
CA SER A 661 24.72 -30.03 -15.05
C SER A 661 23.77 -31.21 -14.91
N PRO A 662 23.89 -32.22 -15.80
CA PRO A 662 23.05 -33.41 -15.66
C PRO A 662 23.13 -34.02 -14.27
N GLU A 663 24.31 -34.01 -13.65
CA GLU A 663 24.47 -34.58 -12.33
C GLU A 663 23.79 -33.74 -11.23
N ALA A 664 23.92 -32.42 -11.32
CA ALA A 664 23.28 -31.56 -10.34
C ALA A 664 21.74 -31.68 -10.45
N LYS A 665 21.24 -32.02 -11.64
CA LYS A 665 19.81 -32.12 -11.83
C LYS A 665 19.14 -33.09 -10.88
N TYR A 666 19.83 -34.18 -10.49
CA TYR A 666 19.24 -35.12 -9.52
C TYR A 666 18.81 -34.44 -8.22
N ASP A 667 19.53 -33.40 -7.79
CA ASP A 667 19.18 -32.68 -6.55
C ASP A 667 17.80 -32.04 -6.65
N ALA A 668 17.47 -31.57 -7.85
CA ALA A 668 16.16 -30.92 -8.04
C ALA A 668 14.99 -31.87 -7.83
N PHE A 669 15.23 -33.17 -7.90
CA PHE A 669 14.15 -34.13 -7.73
C PHE A 669 14.05 -34.68 -6.30
N LEU A 670 14.81 -34.11 -5.37
CA LEU A 670 14.68 -34.50 -3.95
C LEU A 670 13.28 -34.24 -3.41
N VAL A 671 12.83 -35.11 -2.54
CA VAL A 671 11.47 -35.03 -2.00
C VAL A 671 11.40 -33.75 -1.17
N THR A 672 12.57 -33.23 -0.77
CA THR A 672 12.61 -32.01 0.04
C THR A 672 12.54 -30.71 -0.78
N ASN A 673 12.51 -30.84 -2.11
CA ASN A 673 12.34 -29.69 -2.99
C ASN A 673 10.89 -29.71 -3.56
N MET A 674 10.08 -30.71 -3.21
CA MET A 674 8.72 -30.92 -3.76
CA MET A 674 8.76 -30.82 -3.81
C MET A 674 7.69 -30.11 -3.00
N VAL A 675 6.69 -29.57 -3.70
CA VAL A 675 5.60 -28.86 -3.04
C VAL A 675 4.28 -29.17 -3.75
N PRO A 676 3.17 -29.10 -3.02
CA PRO A 676 1.94 -29.50 -3.69
C PRO A 676 1.42 -28.44 -4.65
N MET A 677 0.96 -28.88 -5.82
CA MET A 677 0.47 -27.98 -6.85
C MET A 677 -0.67 -28.62 -7.64
N TYR A 678 -1.79 -27.90 -7.70
CA TYR A 678 -2.86 -28.25 -8.60
C TYR A 678 -2.34 -28.25 -10.02
N PRO A 679 -2.83 -29.19 -10.86
CA PRO A 679 -2.42 -29.20 -12.25
C PRO A 679 -2.63 -27.84 -12.92
N ALA A 680 -3.72 -27.15 -12.62
CA ALA A 680 -3.95 -25.87 -13.29
C ALA A 680 -2.85 -24.87 -12.92
N PHE A 681 -2.48 -24.86 -11.64
CA PHE A 681 -1.37 -24.02 -11.22
C PHE A 681 0.01 -24.42 -11.80
N LYS A 682 0.22 -25.71 -12.02
CA LYS A 682 1.49 -26.16 -12.60
C LYS A 682 1.75 -25.55 -13.95
N ARG A 683 0.69 -25.30 -14.71
CA ARG A 683 0.84 -24.54 -15.96
C ARG A 683 1.53 -23.21 -15.76
N VAL A 684 1.09 -22.47 -14.74
CA VAL A 684 1.64 -21.17 -14.40
C VAL A 684 3.12 -21.29 -13.96
N TRP A 685 3.32 -22.15 -12.96
CA TRP A 685 4.60 -22.36 -12.29
C TRP A 685 5.69 -22.85 -13.26
N ALA A 686 5.33 -23.82 -14.09
CA ALA A 686 6.26 -24.35 -15.09
C ALA A 686 6.67 -23.27 -16.09
N TYR A 687 5.74 -22.44 -16.54
CA TYR A 687 6.14 -21.40 -17.47
C TYR A 687 7.04 -20.36 -16.82
N PHE A 688 6.69 -19.95 -15.59
CA PHE A 688 7.57 -19.07 -14.82
C PHE A 688 8.97 -19.68 -14.73
N GLN A 689 9.08 -20.95 -14.30
CA GLN A 689 10.41 -21.56 -14.10
C GLN A 689 11.21 -21.89 -15.39
N ARG A 690 10.51 -22.30 -16.46
CA ARG A 690 11.16 -22.71 -17.71
C ARG A 690 11.50 -21.50 -18.60
N VAL A 691 10.62 -20.50 -18.60
CA VAL A 691 10.76 -19.38 -19.54
C VAL A 691 11.13 -18.07 -18.82
N LEU A 692 10.34 -17.68 -17.84
CA LEU A 692 10.48 -16.37 -17.27
C LEU A 692 11.74 -16.17 -16.45
N VAL A 693 12.14 -17.13 -15.65
CA VAL A 693 13.35 -16.91 -14.82
C VAL A 693 14.55 -16.60 -15.74
N LYS A 694 14.70 -17.39 -16.81
CA LYS A 694 15.83 -17.16 -17.71
CA LYS A 694 15.79 -17.19 -17.77
C LYS A 694 15.66 -15.81 -18.43
N LYS A 695 14.44 -15.45 -18.84
CA LYS A 695 14.21 -14.15 -19.41
C LYS A 695 14.65 -13.02 -18.50
N TYR A 696 14.28 -13.09 -17.21
CA TYR A 696 14.72 -12.05 -16.27
C TYR A 696 16.24 -12.04 -16.09
N ALA A 697 16.85 -13.22 -16.07
CA ALA A 697 18.30 -13.26 -15.85
C ALA A 697 18.99 -12.61 -17.06
N SER A 698 18.41 -12.83 -18.23
CA SER A 698 18.91 -12.22 -19.48
CA SER A 698 18.90 -12.24 -19.48
C SER A 698 18.79 -10.70 -19.45
N GLU A 699 17.60 -10.21 -19.08
CA GLU A 699 17.31 -8.78 -19.00
C GLU A 699 18.00 -8.05 -17.86
N ARG A 700 18.22 -8.73 -16.73
CA ARG A 700 18.67 -8.05 -15.50
C ARG A 700 20.13 -8.30 -15.21
N ASN A 701 20.78 -9.06 -16.09
CA ASN A 701 22.18 -9.48 -15.92
C ASN A 701 22.33 -10.41 -14.71
N GLY A 702 21.59 -11.50 -14.74
CA GLY A 702 21.59 -12.43 -13.63
C GLY A 702 20.49 -12.04 -12.65
N VAL A 703 19.88 -13.07 -12.04
CA VAL A 703 18.97 -12.85 -10.91
C VAL A 703 19.20 -13.84 -9.78
N ASN A 704 18.94 -13.37 -8.56
CA ASN A 704 18.81 -14.25 -7.44
C ASN A 704 17.31 -14.45 -7.20
N VAL A 705 16.91 -15.70 -7.04
CA VAL A 705 15.50 -16.03 -6.80
C VAL A 705 15.33 -16.67 -5.43
N ILE A 706 14.38 -16.18 -4.63
CA ILE A 706 13.93 -16.90 -3.45
C ILE A 706 12.44 -17.19 -3.66
N SER A 707 12.09 -18.48 -3.62
CA SER A 707 10.71 -18.89 -3.76
C SER A 707 10.26 -19.71 -2.57
N GLY A 708 8.95 -19.80 -2.40
CA GLY A 708 8.43 -20.58 -1.30
C GLY A 708 6.92 -20.63 -1.30
N PRO A 709 6.35 -21.39 -0.37
CA PRO A 709 4.91 -21.45 -0.18
C PRO A 709 4.43 -20.37 0.80
N ILE A 710 3.15 -20.04 0.69
CA ILE A 710 2.49 -19.16 1.67
C ILE A 710 1.21 -19.82 2.13
N PHE A 711 0.93 -19.75 3.44
CA PHE A 711 -0.35 -20.27 3.93
C PHE A 711 -1.13 -19.14 4.58
N ASP A 712 -2.20 -18.68 3.94
CA ASP A 712 -3.03 -17.65 4.52
C ASP A 712 -4.52 -18.03 4.41
N TYR A 713 -4.90 -19.13 5.08
CA TYR A 713 -6.29 -19.55 5.02
C TYR A 713 -7.31 -18.61 5.65
N ASN A 714 -6.90 -17.75 6.61
CA ASN A 714 -7.87 -16.79 7.17
C ASN A 714 -7.72 -15.38 6.54
N TYR A 715 -7.00 -15.32 5.43
CA TYR A 715 -6.82 -14.10 4.64
C TYR A 715 -6.54 -12.82 5.44
N ASP A 716 -5.67 -12.94 6.46
CA ASP A 716 -5.38 -11.77 7.29
C ASP A 716 -4.03 -11.13 6.89
N GLY A 717 -3.42 -11.65 5.83
CA GLY A 717 -2.13 -11.13 5.36
C GLY A 717 -0.96 -11.62 6.20
N LEU A 718 -1.22 -12.53 7.14
CA LEU A 718 -0.22 -12.97 8.10
C LEU A 718 -0.03 -14.48 8.06
N ARG A 719 1.22 -14.92 8.27
CA ARG A 719 1.57 -16.35 8.30
C ARG A 719 0.58 -17.19 9.12
N ASP A 720 0.06 -18.28 8.57
CA ASP A 720 -0.79 -19.16 9.38
C ASP A 720 0.05 -20.03 10.28
N THR A 721 -0.47 -20.31 11.47
CA THR A 721 0.07 -21.41 12.29
C THR A 721 -0.51 -22.73 11.73
N GLU A 722 0.06 -23.88 12.09
CA GLU A 722 -0.41 -25.16 11.54
C GLU A 722 -1.88 -25.45 11.78
N ASP A 723 -2.39 -25.00 12.92
CA ASP A 723 -3.79 -25.29 13.22
C ASP A 723 -4.79 -24.44 12.46
N GLU A 724 -4.31 -23.57 11.56
CA GLU A 724 -5.19 -22.73 10.69
C GLU A 724 -5.35 -23.29 9.28
N ILE A 725 -4.59 -24.35 8.98
CA ILE A 725 -4.57 -24.91 7.63
C ILE A 725 -5.86 -25.66 7.32
N LYS A 726 -6.55 -25.27 6.25
CA LYS A 726 -7.83 -25.90 5.92
C LYS A 726 -7.77 -27.08 4.95
N GLN A 727 -6.60 -27.32 4.35
CA GLN A 727 -6.53 -28.30 3.27
C GLN A 727 -5.16 -28.94 3.24
N TYR A 728 -5.18 -30.27 3.11
CA TYR A 728 -4.02 -31.12 3.12
C TYR A 728 -4.10 -31.99 1.87
N VAL A 729 -2.95 -32.46 1.43
CA VAL A 729 -2.92 -33.49 0.38
C VAL A 729 -3.61 -34.72 1.00
N GLU A 730 -4.57 -35.25 0.26
CA GLU A 730 -5.47 -36.29 0.74
C GLU A 730 -4.72 -37.42 1.41
N GLY A 731 -5.09 -37.70 2.66
CA GLY A 731 -4.58 -38.85 3.37
C GLY A 731 -3.23 -38.61 3.99
N SER A 732 -2.80 -37.34 4.08
CA SER A 732 -1.46 -37.04 4.55
C SER A 732 -1.53 -35.82 5.42
N SER A 733 -0.39 -35.47 5.99
CA SER A 733 -0.22 -34.24 6.76
C SER A 733 0.54 -33.14 5.96
N ILE A 734 0.53 -33.26 4.63
CA ILE A 734 1.18 -32.28 3.76
C ILE A 734 0.15 -31.14 3.56
N PRO A 735 0.44 -29.94 4.12
CA PRO A 735 -0.48 -28.81 4.05
C PRO A 735 -0.44 -28.16 2.65
N VAL A 736 -1.57 -27.64 2.18
CA VAL A 736 -1.61 -27.14 0.83
C VAL A 736 -1.45 -25.62 0.92
N PRO A 737 -0.46 -25.06 0.21
CA PRO A 737 -0.30 -23.59 0.29
C PRO A 737 -1.49 -22.89 -0.37
N THR A 738 -1.84 -21.71 0.13
CA THR A 738 -2.79 -20.81 -0.58
C THR A 738 -2.08 -20.02 -1.68
N HIS A 739 -0.76 -19.85 -1.59
CA HIS A 739 -0.05 -19.01 -2.53
C HIS A 739 1.37 -19.51 -2.67
N TYR A 740 2.03 -19.11 -3.79
CA TYR A 740 3.48 -19.30 -3.95
C TYR A 740 4.11 -17.97 -4.25
N TYR A 741 5.21 -17.66 -3.54
CA TYR A 741 5.91 -16.40 -3.77
C TYR A 741 7.23 -16.59 -4.50
N SER A 742 7.71 -15.50 -5.09
CA SER A 742 9.10 -15.44 -5.52
C SER A 742 9.60 -14.02 -5.35
N ILE A 743 10.85 -13.92 -4.90
CA ILE A 743 11.52 -12.64 -4.78
C ILE A 743 12.70 -12.65 -5.71
N ILE A 744 12.75 -11.71 -6.61
CA ILE A 744 13.75 -11.79 -7.67
C ILE A 744 14.63 -10.56 -7.61
N THR A 745 15.88 -10.76 -7.23
CA THR A 745 16.74 -9.63 -6.90
C THR A 745 17.89 -9.57 -7.89
N SER A 746 18.36 -8.37 -8.19
CA SER A 746 19.51 -8.20 -9.07
C SER A 746 20.19 -6.85 -8.74
N CYS A 747 21.22 -6.50 -9.48
CA CYS A 747 21.93 -5.23 -9.24
C CYS A 747 21.18 -4.09 -9.91
N LEU A 748 20.97 -2.98 -9.22
CA LEU A 748 20.26 -1.83 -9.83
C LEU A 748 21.11 -1.35 -11.00
N ASP A 749 22.44 -1.40 -10.82
CA ASP A 749 23.36 -1.13 -11.95
C ASP A 749 23.53 -2.42 -12.72
N PHE A 750 22.68 -2.62 -13.70
CA PHE A 750 22.63 -3.85 -14.47
C PHE A 750 23.88 -4.11 -15.31
N THR A 751 24.87 -3.19 -15.27
CA THR A 751 26.19 -3.50 -15.85
C THR A 751 26.94 -4.48 -14.99
N GLN A 752 26.54 -4.62 -13.72
CA GLN A 752 27.13 -5.60 -12.84
C GLN A 752 26.23 -6.84 -12.69
N PRO A 753 26.84 -8.04 -12.67
CA PRO A 753 26.04 -9.25 -12.57
C PRO A 753 25.43 -9.38 -11.18
N ALA A 754 24.29 -10.05 -11.09
CA ALA A 754 23.60 -10.18 -9.81
C ALA A 754 24.52 -10.64 -8.68
N ASP A 755 25.34 -11.65 -8.95
CA ASP A 755 26.22 -12.20 -7.91
C ASP A 755 27.52 -11.43 -7.66
N LYS A 756 27.76 -10.31 -8.34
CA LYS A 756 28.91 -9.45 -8.03
C LYS A 756 28.51 -7.98 -8.05
N CYS A 757 27.59 -7.61 -7.20
CA CYS A 757 26.97 -6.28 -7.23
C CYS A 757 27.54 -5.45 -6.09
N ASP A 758 28.07 -4.27 -6.40
CA ASP A 758 28.74 -3.43 -5.41
C ASP A 758 27.85 -2.41 -4.72
N GLY A 759 26.66 -2.16 -5.27
CA GLY A 759 25.82 -1.08 -4.77
C GLY A 759 24.37 -1.47 -4.55
N PRO A 760 23.45 -0.52 -4.76
CA PRO A 760 22.03 -0.78 -4.57
C PRO A 760 21.47 -1.95 -5.37
N LEU A 761 20.40 -2.54 -4.83
CA LEU A 761 19.71 -3.67 -5.43
C LEU A 761 18.45 -3.26 -6.15
N SER A 762 17.97 -4.14 -7.02
CA SER A 762 16.71 -3.98 -7.70
C SER A 762 15.87 -5.26 -7.43
N VAL A 763 14.60 -5.08 -7.13
CA VAL A 763 13.80 -6.26 -6.80
C VAL A 763 12.45 -6.22 -7.50
N SER A 764 11.94 -7.38 -7.88
CA SER A 764 10.51 -7.56 -8.13
C SER A 764 10.05 -8.89 -7.49
N SER A 765 8.80 -8.94 -7.07
CA SER A 765 8.30 -10.10 -6.34
C SER A 765 6.88 -10.36 -6.72
N PHE A 766 6.41 -11.57 -6.46
CA PHE A 766 4.99 -11.84 -6.65
C PHE A 766 4.50 -12.85 -5.62
N ILE A 767 3.18 -12.87 -5.44
CA ILE A 767 2.51 -13.82 -4.53
C ILE A 767 1.38 -14.38 -5.36
N LEU A 768 1.61 -15.51 -6.00
CA LEU A 768 0.65 -16.04 -6.96
C LEU A 768 -0.35 -16.89 -6.20
N PRO A 769 -1.67 -16.71 -6.46
CA PRO A 769 -2.63 -17.57 -5.75
C PRO A 769 -2.54 -18.99 -6.28
N HIS A 770 -2.62 -19.95 -5.37
CA HIS A 770 -2.49 -21.36 -5.71
C HIS A 770 -3.90 -21.91 -5.94
N ARG A 771 -4.40 -21.80 -7.16
CA ARG A 771 -5.80 -22.11 -7.43
C ARG A 771 -5.95 -23.35 -8.32
N PRO A 772 -6.99 -24.16 -8.09
CA PRO A 772 -7.26 -25.37 -8.85
C PRO A 772 -7.77 -25.15 -10.26
N ASP A 773 -8.02 -23.90 -10.63
CA ASP A 773 -8.44 -23.57 -11.97
C ASP A 773 -7.77 -22.26 -12.34
N ASN A 774 -7.82 -21.90 -13.62
CA ASN A 774 -7.33 -20.65 -14.09
C ASN A 774 -8.48 -19.77 -14.53
N ASP A 775 -9.59 -19.82 -13.78
CA ASP A 775 -10.78 -19.01 -14.13
C ASP A 775 -10.49 -17.49 -14.14
N GLU A 776 -9.55 -17.07 -13.31
CA GLU A 776 -9.10 -15.68 -13.27
C GLU A 776 -8.52 -15.18 -14.59
N SER A 777 -7.85 -16.05 -15.33
CA SER A 777 -7.30 -15.67 -16.60
C SER A 777 -8.23 -16.09 -17.77
N CYS A 778 -8.98 -15.14 -18.33
CA CYS A 778 -9.95 -15.43 -19.39
C CYS A 778 -9.35 -16.09 -20.66
N ASN A 779 -8.05 -15.90 -20.88
CA ASN A 779 -7.34 -16.42 -22.07
CA ASN A 779 -7.36 -16.43 -22.06
C ASN A 779 -6.50 -17.67 -21.77
N SER A 780 -6.80 -18.34 -20.66
CA SER A 780 -5.98 -19.48 -20.21
C SER A 780 -6.01 -20.74 -21.09
N SER A 781 -6.97 -20.87 -21.98
CA SER A 781 -6.91 -22.02 -22.90
C SER A 781 -5.85 -21.75 -23.96
N GLU A 782 -5.40 -20.51 -24.07
CA GLU A 782 -4.31 -20.21 -24.96
C GLU A 782 -2.95 -20.64 -24.38
N ASP A 783 -1.88 -20.41 -25.15
CA ASP A 783 -0.56 -20.77 -24.72
C ASP A 783 -0.15 -19.88 -23.55
N GLU A 784 0.60 -20.45 -22.62
CA GLU A 784 1.04 -19.74 -21.41
C GLU A 784 1.72 -18.40 -21.75
N SER A 785 2.31 -18.30 -22.95
CA SER A 785 2.96 -17.05 -23.40
C SER A 785 1.98 -15.89 -23.63
N LYS A 786 0.68 -16.17 -23.59
CA LYS A 786 -0.36 -15.16 -23.80
C LYS A 786 -1.09 -14.73 -22.53
N TRP A 787 -0.86 -15.42 -21.40
CA TRP A 787 -1.58 -15.08 -20.21
C TRP A 787 -0.78 -15.20 -18.89
N VAL A 788 0.30 -15.99 -18.84
CA VAL A 788 0.93 -16.24 -17.55
C VAL A 788 1.60 -15.01 -16.97
N GLU A 789 2.39 -14.32 -17.79
CA GLU A 789 3.08 -13.17 -17.28
C GLU A 789 2.11 -12.04 -16.83
N GLU A 790 1.02 -11.87 -17.58
CA GLU A 790 -0.09 -10.98 -17.20
C GLU A 790 -0.68 -11.35 -15.79
N LEU A 791 -0.91 -12.65 -15.55
CA LEU A 791 -1.34 -13.08 -14.23
C LEU A 791 -0.32 -12.70 -13.15
N MET A 792 0.96 -12.97 -13.41
CA MET A 792 2.01 -12.68 -12.45
C MET A 792 2.13 -11.20 -12.14
N LYS A 793 2.02 -10.38 -13.18
CA LYS A 793 2.04 -8.94 -13.02
C LYS A 793 0.92 -8.46 -12.13
N MET A 794 -0.28 -9.01 -12.31
CA MET A 794 -1.46 -8.70 -11.49
C MET A 794 -1.20 -9.00 -10.02
N HIS A 795 -0.38 -10.02 -9.76
CA HIS A 795 -0.08 -10.46 -8.38
C HIS A 795 1.35 -10.06 -7.90
N THR A 796 1.85 -8.96 -8.48
CA THR A 796 3.07 -8.32 -8.06
C THR A 796 2.94 -8.00 -6.55
N ALA A 797 4.05 -8.02 -5.83
CA ALA A 797 4.01 -7.83 -4.37
C ALA A 797 5.27 -7.13 -3.90
N ARG A 798 5.21 -6.62 -2.66
CA ARG A 798 6.39 -6.06 -1.98
C ARG A 798 7.03 -7.18 -1.22
N VAL A 799 8.35 -7.13 -1.03
CA VAL A 799 8.98 -8.13 -0.19
C VAL A 799 8.32 -8.08 1.20
N ARG A 800 7.93 -6.88 1.66
CA ARG A 800 7.33 -6.76 2.99
C ARG A 800 6.00 -7.60 3.11
N ASP A 801 5.25 -7.66 2.00
CA ASP A 801 3.99 -8.44 1.95
C ASP A 801 4.34 -9.91 2.20
N ILE A 802 5.42 -10.37 1.57
CA ILE A 802 5.87 -11.76 1.74
C ILE A 802 6.37 -11.97 3.17
N GLU A 803 7.04 -10.96 3.73
CA GLU A 803 7.55 -11.09 5.10
C GLU A 803 6.36 -11.32 6.06
N HIS A 804 5.31 -10.54 5.93
CA HIS A 804 4.13 -10.72 6.81
C HIS A 804 3.54 -12.14 6.65
N LEU A 805 3.51 -12.63 5.40
CA LEU A 805 2.82 -13.86 5.08
C LEU A 805 3.60 -15.11 5.44
N THR A 806 4.89 -14.94 5.70
CA THR A 806 5.80 -16.09 5.97
C THR A 806 6.51 -16.04 7.30
N GLY A 807 6.53 -14.88 7.97
CA GLY A 807 7.32 -14.75 9.22
C GLY A 807 8.83 -14.81 8.98
N LEU A 808 9.24 -14.50 7.74
CA LEU A 808 10.67 -14.49 7.40
C LEU A 808 11.13 -13.04 7.26
N ASP A 809 12.40 -12.80 7.47
CA ASP A 809 12.99 -11.47 7.29
C ASP A 809 14.16 -11.66 6.32
N PHE A 810 14.10 -11.00 5.15
CA PHE A 810 15.05 -11.17 4.06
C PHE A 810 16.13 -10.06 4.11
N TYR A 811 17.12 -10.16 3.22
CA TYR A 811 18.21 -9.17 3.08
C TYR A 811 18.96 -8.88 4.39
N ARG A 812 19.24 -9.92 5.17
CA ARG A 812 19.85 -9.74 6.48
C ARG A 812 21.34 -9.40 6.37
N LYS A 813 21.97 -9.78 5.27
CA LYS A 813 23.43 -9.57 5.10
C LYS A 813 23.74 -8.95 3.76
N THR A 814 23.70 -7.63 3.69
CA THR A 814 24.10 -6.94 2.46
C THR A 814 25.11 -5.90 2.91
N SER A 815 25.71 -5.19 1.98
CA SER A 815 26.59 -4.07 2.37
C SER A 815 25.80 -2.75 2.41
N ARG A 816 24.47 -2.82 2.27
CA ARG A 816 23.63 -1.62 2.24
C ARG A 816 23.12 -1.18 3.64
N SER A 817 22.79 0.10 3.79
CA SER A 817 22.28 0.56 5.08
C SER A 817 20.85 -0.01 5.32
N TYR A 818 20.45 -0.14 6.57
CA TYR A 818 19.26 -0.86 6.86
C TYR A 818 18.03 -0.08 6.34
N SER A 819 18.04 1.24 6.44
CA SER A 819 16.94 2.04 5.93
CA SER A 819 16.92 2.02 5.94
C SER A 819 16.79 1.88 4.44
N GLU A 820 17.92 1.74 3.74
CA GLU A 820 17.88 1.51 2.29
C GLU A 820 17.20 0.16 1.97
N ILE A 821 17.52 -0.83 2.77
CA ILE A 821 16.93 -2.18 2.66
C ILE A 821 15.44 -2.10 2.98
N LEU A 822 15.06 -1.32 3.98
CA LEU A 822 13.64 -1.16 4.27
C LEU A 822 12.85 -0.57 3.10
N THR A 823 13.41 0.47 2.46
CA THR A 823 12.83 1.04 1.24
C THR A 823 12.72 -0.04 0.15
N LEU A 824 13.76 -0.82 -0.04
CA LEU A 824 13.71 -1.90 -1.03
C LEU A 824 12.60 -2.90 -0.73
N LYS A 825 12.42 -3.23 0.56
CA LYS A 825 11.39 -4.22 0.96
C LYS A 825 9.95 -3.67 0.74
N THR A 826 9.79 -2.34 0.76
CA THR A 826 8.48 -1.73 0.48
C THR A 826 8.25 -1.46 -1.02
N TYR A 827 9.28 -1.61 -1.85
CA TYR A 827 9.14 -1.41 -3.31
C TYR A 827 8.08 -2.34 -3.92
N LEU A 828 7.27 -1.77 -4.80
CA LEU A 828 6.30 -2.57 -5.55
C LEU A 828 6.59 -2.34 -7.02
N HIS A 829 6.88 -3.38 -7.76
CA HIS A 829 7.02 -3.24 -9.20
C HIS A 829 5.60 -3.22 -9.82
N THR A 830 5.17 -2.11 -10.42
N THR A 830 5.20 -2.09 -10.36
CA THR A 830 3.75 -1.95 -10.79
CA THR A 830 4.07 -2.13 -11.23
C THR A 830 3.33 -2.35 -12.24
C THR A 830 4.60 -2.06 -12.65
N TYR A 831 4.27 -2.31 -13.17
N TYR A 831 3.77 -2.55 -13.53
CA TYR A 831 3.98 -2.72 -14.58
CA TYR A 831 4.15 -2.65 -14.90
C TYR A 831 2.93 -1.85 -15.30
C TYR A 831 3.37 -1.60 -15.65
N GLU A 832 2.90 -0.57 -14.94
CA GLU A 832 2.14 0.47 -15.60
C GLU A 832 3.17 1.16 -16.50
N SER A 833 2.75 1.78 -17.59
CA SER A 833 3.70 2.56 -18.40
C SER A 833 4.09 3.88 -17.69
N GLU A 834 4.74 4.80 -18.42
CA GLU A 834 5.20 6.07 -17.86
C GLU A 834 4.04 7.00 -17.51
C1 NAG B . -1.64 -3.86 9.84
C2 NAG B . -1.39 -5.36 9.91
C3 NAG B . -2.35 -5.90 10.97
C4 NAG B . -2.28 -5.17 12.30
C5 NAG B . -2.22 -3.65 12.13
C6 NAG B . -1.94 -2.98 13.49
C7 NAG B . -0.67 -6.67 7.97
C8 NAG B . -0.95 -7.38 6.67
N2 NAG B . -1.65 -6.01 8.62
O3 NAG B . -2.13 -7.29 11.18
O4 NAG B . -3.48 -5.47 12.99
O5 NAG B . -1.26 -3.31 11.14
O6 NAG B . -0.68 -3.46 13.97
O7 NAG B . 0.50 -6.73 8.39
C1 NAG B . -3.28 -6.02 14.28
C2 NAG B . -4.56 -5.70 15.06
C3 NAG B . -4.51 -6.38 16.43
C4 NAG B . -4.18 -7.88 16.32
C5 NAG B . -2.98 -8.20 15.39
C6 NAG B . -3.02 -9.70 15.00
C7 NAG B . -5.55 -3.53 14.36
C8 NAG B . -5.71 -2.04 14.61
N2 NAG B . -4.80 -4.25 15.20
O3 NAG B . -5.79 -6.22 17.02
O4 NAG B . -3.95 -8.44 17.61
O5 NAG B . -3.03 -7.42 14.20
O6 NAG B . -4.11 -10.01 14.12
O7 NAG B . -6.12 -4.00 13.38
C1 BMA B . -5.20 -8.97 18.15
C2 BMA B . -4.92 -10.29 18.87
C3 BMA B . -6.09 -10.78 19.75
C4 BMA B . -6.72 -9.63 20.57
C5 BMA B . -7.01 -8.42 19.69
C6 BMA B . -7.55 -7.24 20.50
O2 BMA B . -3.72 -10.08 19.60
O3 BMA B . -5.72 -11.88 20.61
O4 BMA B . -7.94 -10.02 21.15
O5 BMA B . -5.82 -8.02 19.02
O6 BMA B . -8.11 -6.35 19.54
C1 MAN B . -8.63 -5.10 20.07
C2 MAN B . -9.47 -4.43 18.95
C3 MAN B . -8.57 -3.72 17.92
C4 MAN B . -7.59 -2.78 18.62
C5 MAN B . -6.78 -3.50 19.72
C6 MAN B . -5.80 -2.57 20.49
O2 MAN B . -10.47 -3.54 19.44
O3 MAN B . -9.29 -3.00 16.94
O4 MAN B . -6.74 -2.18 17.66
O5 MAN B . -7.64 -4.20 20.61
O6 MAN B . -6.35 -1.29 20.78
C1 MAN B . -9.85 -3.89 15.93
C2 MAN B . -9.78 -3.26 14.53
C3 MAN B . -10.66 -2.00 14.52
C4 MAN B . -12.08 -2.25 15.06
C5 MAN B . -12.19 -3.25 16.21
C6 MAN B . -13.57 -3.88 16.14
O2 MAN B . -10.27 -4.20 13.57
O3 MAN B . -10.81 -1.46 13.21
O4 MAN B . -12.66 -1.00 15.43
O5 MAN B . -11.20 -4.29 16.17
O6 MAN B . -13.61 -5.04 16.96
C1 MAN B . -9.29 -4.96 12.83
C2 MAN B . -10.05 -5.54 11.61
C3 MAN B . -10.91 -6.74 12.01
C4 MAN B . -10.14 -7.76 12.86
C5 MAN B . -9.46 -7.06 14.06
C6 MAN B . -8.68 -8.02 14.98
O2 MAN B . -9.20 -5.94 10.56
O3 MAN B . -11.33 -7.33 10.80
O4 MAN B . -10.99 -8.81 13.28
O5 MAN B . -8.62 -6.00 13.59
O6 MAN B . -8.36 -7.39 16.22
C1 MAN B . -6.21 -13.18 20.17
C2 MAN B . -6.72 -14.02 21.37
C3 MAN B . -5.58 -14.65 22.20
C4 MAN B . -4.56 -15.34 21.29
C5 MAN B . -4.12 -14.30 20.26
C6 MAN B . -2.86 -14.69 19.46
O2 MAN B . -7.52 -15.08 20.91
O3 MAN B . -6.10 -15.62 23.11
O4 MAN B . -3.48 -15.81 22.07
O5 MAN B . -5.24 -13.95 19.44
O6 MAN B . -1.73 -14.11 20.09
C1 MAN B . -8.85 -15.01 21.48
C2 MAN B . -9.34 -16.39 21.93
C3 MAN B . -9.55 -17.30 20.70
C4 MAN B . -10.43 -16.60 19.64
C5 MAN B . -9.94 -15.16 19.35
C6 MAN B . -10.86 -14.37 18.42
O2 MAN B . -10.53 -16.22 22.69
O3 MAN B . -10.06 -18.58 21.00
O4 MAN B . -10.42 -17.37 18.46
O5 MAN B . -9.78 -14.43 20.57
O6 MAN B . -12.08 -14.08 19.07
C10 XUT C . -16.14 11.35 -0.65
C11 XUT C . -16.47 14.28 1.80
O12 XUT C . -17.62 14.73 1.87
C15 XUT C . -13.85 14.83 4.31
C16 XUT C . -12.48 15.38 4.57
C18 XUT C . -11.90 17.10 6.20
C20 XUT C . -9.54 16.96 6.93
C21 XUT C . -8.46 15.85 6.96
C22 XUT C . -7.14 16.13 6.48
C23 XUT C . -6.13 15.19 6.57
C24 XUT C . -6.46 13.95 7.15
C26 XUT C . -4.08 13.39 7.33
N1 XUT C . -16.20 10.95 -4.00
S2 XUT C . -14.89 11.10 -3.05
O3 XUT C . -13.96 11.98 -3.74
O4 XUT C . -14.52 9.72 -2.56
C5 XUT C . -15.39 11.96 -1.68
C6 XUT C . -14.99 13.31 -1.55
C7 XUT C . -15.32 14.05 -0.38
C8 XUT C . -16.07 13.43 0.64
C9 XUT C . -16.47 12.08 0.52
N13 XUT C . -15.62 14.59 2.82
C14 XUT C . -14.22 14.08 3.00
N17 XUT C . -12.88 16.44 5.54
O19 XUT C . -10.67 16.37 6.27
O25 XUT C . -5.42 13.03 7.28
F27 XUT C . -3.80 14.45 8.07
F28 XUT C . -3.43 12.42 7.98
F29 XUT C . -3.61 13.57 6.08
C30 XUT C . -7.73 13.64 7.61
C31 XUT C . -8.75 14.59 7.51
O32 XUT C . -12.08 18.22 6.64
C33 XUT C . -14.22 17.04 5.29
C34 XUT C . -14.65 16.17 4.11
C35 XUT C . -16.00 15.61 3.86
C37 XUT C . -14.23 13.96 5.52
CL CL D . -17.28 2.10 -1.45
C ACT E . -7.27 -1.81 -14.24
O ACT E . -6.13 -2.34 -14.31
OXT ACT E . -7.74 -1.12 -15.19
CH3 ACT E . -8.11 -2.03 -13.00
K K F . -2.62 -36.46 -7.83
ZN ZN G . -14.15 11.98 -5.66
NA NA H . -9.53 -19.37 -17.77
CA CA I . -3.15 -15.97 8.12
#